data_2KP3
#
_entry.id   2KP3
#
_cell.length_a   1.000
_cell.length_b   1.000
_cell.length_c   1.000
_cell.angle_alpha   90.00
_cell.angle_beta   90.00
_cell.angle_gamma   90.00
#
_symmetry.space_group_name_H-M   'P 1'
#
loop_
_entity.id
_entity.type
_entity.pdbx_description
1 polymer "RNA (5'-R(*(GAO)P*(CAR)P*(UAR)P*(A5O)P*(UAR)P*(A5O)P*(A5O)P*(UAR)P*(GAO)P*(GAO))-3')"
2 polymer "RNA (5'-R(*CP*CP*AP*UP*UP*AP*UP*AP*GP*C)-3')"
#
loop_
_entity_poly.entity_id
_entity_poly.type
_entity_poly.pdbx_seq_one_letter_code
_entity_poly.pdbx_strand_id
1 'polyribonucleotide' (GAO)(CAR)(UAR)(A5O)(UAR)(A5O)(A5O)(UAR)(GAO)(GAO) A
2 'polyribonucleotide' CCAUUAUAGC B
#
loop_
_chem_comp.id
_chem_comp.type
_chem_comp.name
_chem_comp.formula
A RNA linking ADENOSINE-5'-MONOPHOSPHATE 'C10 H14 N5 O7 P'
A5O RNA linking 'ADENINE ARABINOSE-5'-PHOSPHATE' 'C10 H14 N5 O7 P'
C RNA linking CYTIDINE-5'-MONOPHOSPHATE 'C9 H14 N3 O8 P'
CAR RNA linking 'CYTOSINE ARABINOSE-5'-PHOSPHATE' 'C9 H14 N3 O8 P'
G RNA linking GUANOSINE-5'-MONOPHOSPHATE 'C10 H14 N5 O8 P'
GAO RNA linking 'GUANINE ARABINOSE-5'-PHOSPHATE' 'C10 H14 N5 O8 P'
U RNA linking URIDINE-5'-MONOPHOSPHATE 'C9 H13 N2 O9 P'
UAR RNA linking 'URACIL ARABINOSE-5'-PHOSPHATE' 'C9 H13 N2 O9 P'
#
# COMPACT_ATOMS: atom_id res chain seq x y z
O5' GAO A 1 -13.01 7.57 6.27
C5' GAO A 1 -13.68 7.48 7.53
C4' GAO A 1 -13.56 6.08 8.15
O4' GAO A 1 -14.12 5.12 7.26
C3' GAO A 1 -12.10 5.70 8.42
O3' GAO A 1 -12.01 5.14 9.72
C2' GAO A 1 -11.78 4.72 7.28
O2' GAO A 1 -11.23 5.41 6.17
C1' GAO A 1 -13.16 4.08 7.07
N9 GAO A 1 -13.36 3.44 5.75
C8 GAO A 1 -13.18 3.99 4.52
N7 GAO A 1 -13.48 3.23 3.51
C5 GAO A 1 -13.85 2.03 4.13
C6 GAO A 1 -14.22 0.75 3.56
O6 GAO A 1 -14.37 0.44 2.39
N1 GAO A 1 -14.38 -0.23 4.51
C2 GAO A 1 -14.26 -0.02 5.85
N2 GAO A 1 -14.36 -1.08 6.62
N3 GAO A 1 -13.98 1.15 6.42
C4 GAO A 1 -13.76 2.14 5.50
H5' GAO A 1 -14.74 7.74 7.42
H5'' GAO A 1 -13.23 8.21 8.22
H4' GAO A 1 -14.12 6.06 9.10
H3' GAO A 1 -11.46 6.57 8.35
H2' GAO A 1 -11.07 3.95 7.58
HO2' GAO A 1 -11.61 6.30 6.15
H1' GAO A 1 -13.27 3.30 7.83
H8 GAO A 1 -12.79 4.99 4.44
H1 GAO A 1 -14.50 -1.17 4.13
H21 GAO A 1 -14.21 -0.93 7.60
H22 GAO A 1 -14.45 -2.01 6.20
HO5' GAO A 1 -13.69 7.54 5.59
P CAR A 2 -10.58 4.93 10.44
OP1 CAR A 2 -10.79 5.01 11.90
OP2 CAR A 2 -9.59 5.79 9.76
O5' CAR A 2 -10.31 3.39 10.05
C5' CAR A 2 -11.08 2.36 10.62
C4' CAR A 2 -10.89 1.02 9.90
O4' CAR A 2 -11.30 1.15 8.55
C3' CAR A 2 -9.44 0.52 9.87
O3' CAR A 2 -9.25 -0.51 10.84
C2' CAR A 2 -9.23 0.02 8.44
O2' CAR A 2 -8.23 0.74 7.76
C1' CAR A 2 -10.64 0.12 7.86
N1 CAR A 2 -10.66 0.38 6.40
C2 CAR A 2 -10.90 -0.69 5.52
O2 CAR A 2 -11.07 -1.83 5.96
N3 CAR A 2 -10.92 -0.48 4.18
C4 CAR A 2 -10.73 0.74 3.72
N4 CAR A 2 -10.78 0.87 2.42
C5 CAR A 2 -10.49 1.86 4.58
C6 CAR A 2 -10.45 1.62 5.90
H5' CAR A 2 -12.15 2.61 10.56
H5'' CAR A 2 -10.83 2.24 11.67
H4' CAR A 2 -11.51 0.26 10.37
H3' CAR A 2 -8.77 1.36 10.05
H2' CAR A 2 -8.96 -1.05 8.44
HO2' CAR A 2 -7.40 0.67 8.26
H1' CAR A 2 -11.15 -0.82 8.05
HN41 CAR A 2 -10.66 1.78 2.00
HN42 CAR A 2 -10.95 0.04 1.85
H5 CAR A 2 -10.37 2.89 4.28
H6 CAR A 2 -10.24 2.44 6.57
P UAR A 3 -7.78 -1.07 11.20
OP1 UAR A 3 -7.85 -1.68 12.55
OP2 UAR A 3 -6.79 0.00 10.91
O5' UAR A 3 -7.54 -2.24 10.12
C5' UAR A 3 -8.21 -3.50 10.26
C4' UAR A 3 -7.87 -4.45 9.11
O4' UAR A 3 -8.30 -3.90 7.87
C3' UAR A 3 -6.37 -4.77 8.99
O3' UAR A 3 -6.16 -6.16 9.12
C2' UAR A 3 -5.96 -4.22 7.62
O2' UAR A 3 -5.32 -2.95 7.69
C1' UAR A 3 -7.31 -4.24 6.90
N1 UAR A 3 -7.40 -3.30 5.74
C2 UAR A 3 -7.43 -3.83 4.44
O2 UAR A 3 -7.36 -5.02 4.20
N3 UAR A 3 -7.53 -2.91 3.41
C4 UAR A 3 -7.62 -1.54 3.54
O4 UAR A 3 -7.71 -0.85 2.54
C5 UAR A 3 -7.61 -1.08 4.92
C6 UAR A 3 -7.49 -1.94 5.95
H5' UAR A 3 -9.28 -3.34 10.29
H5'' UAR A 3 -7.90 -3.96 11.19
H4' UAR A 3 -8.40 -5.39 9.26
H3' UAR A 3 -5.82 -4.24 9.78
H2' UAR A 3 -5.31 -4.91 7.11
HO2' UAR A 3 -5.36 -2.62 8.59
H1' UAR A 3 -7.47 -5.25 6.53
H3 UAR A 3 -7.55 -3.29 2.47
H5 UAR A 3 -7.67 -0.02 5.13
H6 UAR A 3 -7.46 -1.61 6.98
P A5O A 4 -4.68 -6.77 9.34
N1 A5O A 4 -4.52 -3.18 0.00
C2 A5O A 4 -4.38 -4.48 0.17
N3 A5O A 4 -4.21 -5.15 1.31
C4 A5O A 4 -4.20 -4.31 2.39
C5 A5O A 4 -4.33 -2.95 2.37
C6 A5O A 4 -4.51 -2.39 1.08
N6 A5O A 4 -4.70 -1.11 0.84
N7 A5O A 4 -4.28 -2.43 3.67
C8 A5O A 4 -4.09 -3.49 4.41
N9 A5O A 4 -3.99 -4.66 3.70
C1' A5O A 4 -3.65 -6.03 4.14
C2' A5O A 4 -2.40 -6.17 5.00
O2' A5O A 4 -2.34 -5.25 6.09
C3' A5O A 4 -2.60 -7.62 5.46
O3' A5O A 4 -2.13 -8.56 4.51
C4' A5O A 4 -4.13 -7.75 5.53
O4' A5O A 4 -4.70 -6.61 4.90
C5' A5O A 4 -4.66 -7.87 6.96
O5' A5O A 4 -4.14 -6.88 7.83
OP1 A5O A 4 -4.83 -8.15 9.88
OP2 A5O A 4 -3.87 -5.76 10.04
H2 A5O A 4 -4.45 -5.10 -0.72
H8 A5O A 4 -4.01 -3.47 5.49
HN6 A5O A 4 -4.94 -0.84 -0.11
HN6A A5O A 4 -4.73 -0.47 1.61
H5' A5O A 4 -5.75 -7.80 6.93
H1' A5O A 4 -3.47 -6.60 3.22
H2' A5O A 4 -1.52 -6.07 4.36
H3' A5O A 4 -2.13 -7.79 6.42
H4' A5O A 4 -4.44 -8.64 4.98
H5'A A5O A 4 -4.40 -8.87 7.35
HO2' A5O A 4 -2.83 -5.63 6.84
P UAR A 5 -0.57 -8.85 4.23
OP1 UAR A 5 -0.29 -10.27 4.52
OP2 UAR A 5 0.24 -7.78 4.85
O5' UAR A 5 -0.56 -8.63 2.64
C5' UAR A 5 -1.33 -9.50 1.81
C4' UAR A 5 -1.33 -9.10 0.34
O4' UAR A 5 -1.87 -7.79 0.21
C3' UAR A 5 0.08 -9.10 -0.26
O3' UAR A 5 0.05 -9.66 -1.57
C2' UAR A 5 0.46 -7.62 -0.25
O2' UAR A 5 1.09 -7.26 0.96
C1' UAR A 5 -0.92 -6.98 -0.47
N1 UAR A 5 -1.03 -5.57 -0.01
C2 UAR A 5 -1.23 -4.58 -0.98
O2 UAR A 5 -1.34 -4.81 -2.18
N3 UAR A 5 -1.31 -3.28 -0.54
C4 UAR A 5 -1.22 -2.86 0.77
O4 UAR A 5 -1.31 -1.67 1.02
C5 UAR A 5 -1.06 -3.94 1.73
C6 UAR A 5 -0.98 -5.24 1.33
H5' UAR A 5 -2.37 -9.51 2.17
H5'' UAR A 5 -0.94 -10.52 1.91
H4' UAR A 5 -1.96 -9.80 -0.22
H3' UAR A 5 0.76 -9.67 0.37
H2' UAR A 5 1.10 -7.38 -1.09
HO2' UAR A 5 0.63 -7.69 1.70
H1' UAR A 5 -1.12 -6.99 -1.53
H3 UAR A 5 -1.48 -2.58 -1.24
H5 UAR A 5 -1.04 -3.71 2.78
H6 UAR A 5 -0.88 -6.02 2.06
P A5O A 6 1.42 -9.97 -2.36
N1 A5O A 6 1.19 -0.31 -3.07
C2 A5O A 6 1.21 -0.88 -4.28
N3 A5O A 6 1.35 -2.16 -4.56
C4 A5O A 6 1.54 -2.91 -3.45
C5 A5O A 6 1.57 -2.47 -2.15
C6 A5O A 6 1.35 -1.08 -2.00
N6 A5O A 6 1.30 -0.45 -0.83
N7 A5O A 6 1.78 -3.55 -1.27
C8 A5O A 6 1.86 -4.57 -2.07
N9 A5O A 6 1.74 -4.26 -3.40
C1' A5O A 6 1.76 -5.16 -4.58
C2' A5O A 6 3.04 -5.98 -4.76
O2' A5O A 6 3.58 -6.46 -3.54
C3' A5O A 6 2.54 -7.14 -5.62
O3' A5O A 6 2.60 -6.95 -7.03
C4' A5O A 6 1.05 -7.25 -5.22
O4' A5O A 6 0.71 -6.09 -4.46
C5' A5O A 6 0.73 -8.50 -4.41
O5' A5O A 6 1.59 -8.66 -3.28
OP1 A5O A 6 1.17 -11.13 -3.25
OP2 A5O A 6 2.54 -10.00 -1.39
H2 A5O A 6 1.16 -0.24 -5.14
H8 A5O A 6 1.99 -5.58 -1.74
HN6 A5O A 6 1.11 0.55 -0.80
HN6A A5O A 6 1.40 -1.00 0.02
H5' A5O A 6 -0.30 -8.45 -4.07
H1' A5O A 6 1.63 -4.54 -5.48
H2' A5O A 6 3.78 -5.38 -5.29
H3' A5O A 6 3.08 -8.05 -5.36
H4' A5O A 6 0.44 -7.26 -6.13
H5'A A5O A 6 0.84 -9.36 -5.06
HO2' A5O A 6 3.06 -7.23 -3.25
P A5O A 7 3.99 -6.72 -7.82
N1 A5O A 7 3.83 1.65 -2.99
C2 A5O A 7 3.52 1.82 -4.27
N3 A5O A 7 3.60 0.92 -5.25
C4 A5O A 7 4.10 -0.26 -4.79
C5 A5O A 7 4.46 -0.58 -3.52
C6 A5O A 7 4.28 0.48 -2.59
N6 A5O A 7 4.52 0.40 -1.29
N7 A5O A 7 4.91 -1.91 -3.46
C8 A5O A 7 4.79 -2.32 -4.69
N9 A5O A 7 4.28 -1.39 -5.55
C1' A5O A 7 3.91 -1.52 -6.98
C2' A5O A 7 5.07 -1.83 -7.91
O2' A5O A 7 6.04 -2.71 -7.35
C3' A5O A 7 4.34 -2.46 -9.11
O3' A5O A 7 4.06 -1.57 -10.18
C4' A5O A 7 3.02 -2.96 -8.51
O4' A5O A 7 2.96 -2.53 -7.16
C5' A5O A 7 2.89 -4.48 -8.56
O5' A5O A 7 3.96 -5.12 -7.89
OP1 A5O A 7 3.84 -7.25 -9.18
OP2 A5O A 7 5.11 -7.14 -6.96
H2 A5O A 7 3.16 2.80 -4.55
H8 A5O A 7 5.05 -3.30 -5.05
HN6 A5O A 7 4.26 1.23 -0.74
HN6A A5O A 7 4.87 -0.45 -0.90
H5' A5O A 7 1.94 -4.76 -8.12
H1' A5O A 7 3.55 -0.53 -7.28
H2' A5O A 7 5.48 -0.87 -8.16
H3' A5O A 7 4.93 -3.30 -9.50
H4' A5O A 7 2.19 -2.51 -9.06
H5'A A5O A 7 2.88 -4.80 -9.61
HO2' A5O A 7 5.69 -3.61 -7.39
P UAR A 8 5.23 -0.97 -11.13
OP1 UAR A 8 4.64 -0.64 -12.44
OP2 UAR A 8 6.41 -1.87 -11.03
O5' UAR A 8 5.55 0.38 -10.34
C5' UAR A 8 4.61 1.44 -10.31
C4' UAR A 8 5.00 2.48 -9.27
O4' UAR A 8 5.03 1.93 -7.96
C3' UAR A 8 6.39 3.08 -9.54
O3' UAR A 8 6.26 4.39 -10.08
C2' UAR A 8 7.07 3.03 -8.17
O2' UAR A 8 8.11 2.07 -8.12
C1' UAR A 8 5.91 2.78 -7.23
N1 UAR A 8 6.34 2.22 -5.93
C2 UAR A 8 6.40 3.09 -4.84
O2 UAR A 8 6.04 4.26 -4.88
N3 UAR A 8 6.87 2.57 -3.65
C4 UAR A 8 7.31 1.29 -3.45
O4 UAR A 8 7.67 0.94 -2.32
C5 UAR A 8 7.25 0.44 -4.63
C6 UAR A 8 6.76 0.92 -5.80
H5' UAR A 8 3.62 1.05 -10.06
H5'' UAR A 8 4.55 1.90 -11.30
H4' UAR A 8 4.26 3.29 -9.29
H3' UAR A 8 6.93 2.46 -10.25
H2' UAR A 8 7.48 4.00 -7.88
HO2' UAR A 8 8.39 1.83 -9.01
H1' UAR A 8 5.41 3.73 -7.04
H3 UAR A 8 6.90 3.19 -2.85
H5 UAR A 8 7.55 -0.60 -4.55
H6 UAR A 8 6.67 0.30 -6.69
P GAO A 9 7.54 5.25 -10.56
OP1 GAO A 9 7.08 6.30 -11.48
OP2 GAO A 9 8.61 4.30 -10.94
O5' GAO A 9 7.98 5.94 -9.17
C5' GAO A 9 7.09 6.87 -8.55
C4' GAO A 9 7.65 7.46 -7.25
O4' GAO A 9 7.70 6.48 -6.21
C3' GAO A 9 9.08 7.99 -7.44
O3' GAO A 9 9.19 9.26 -6.80
C2' GAO A 9 9.94 6.89 -6.80
O2' GAO A 9 10.22 5.82 -7.70
C1' GAO A 9 9.02 6.48 -5.66
N9 GAO A 9 9.37 5.22 -4.95
C8 GAO A 9 9.47 3.95 -5.40
N7 GAO A 9 9.83 3.08 -4.50
C5 GAO A 9 9.98 3.84 -3.34
C6 GAO A 9 10.32 3.50 -1.98
O6 GAO A 9 10.57 2.40 -1.47
N1 GAO A 9 10.35 4.59 -1.14
C2 GAO A 9 10.08 5.86 -1.52
N2 GAO A 9 10.17 6.80 -0.61
N3 GAO A 9 9.73 6.22 -2.74
C4 GAO A 9 9.70 5.17 -3.62
H5' GAO A 9 6.14 6.37 -8.32
H5'' GAO A 9 6.88 7.68 -9.24
H4' GAO A 9 6.97 8.28 -6.98
H3' GAO A 9 9.33 8.10 -8.49
H2' GAO A 9 10.87 7.30 -6.39
HO2' GAO A 9 9.48 5.75 -8.32
H1' GAO A 9 9.13 7.23 -4.88
H8 GAO A 9 9.21 3.71 -6.43
H1 GAO A 9 10.55 4.41 -0.15
H21 GAO A 9 9.96 7.73 -0.94
H22 GAO A 9 10.43 6.62 0.36
P GAO A 10 10.45 10.22 -7.05
OP1 GAO A 10 9.95 11.61 -7.18
OP2 GAO A 10 11.31 9.63 -8.09
O5' GAO A 10 11.23 10.10 -5.65
C5' GAO A 10 10.84 10.89 -4.54
C4' GAO A 10 11.78 10.71 -3.34
O4' GAO A 10 11.62 9.39 -2.83
C3' GAO A 10 13.27 10.88 -3.70
O3' GAO A 10 13.77 12.18 -3.37
C2' GAO A 10 14.00 9.77 -2.94
O2' GAO A 10 14.82 8.98 -3.80
C1' GAO A 10 12.86 8.99 -2.26
N9 GAO A 10 12.99 7.53 -2.38
C8 GAO A 10 12.82 6.78 -3.50
N7 GAO A 10 13.07 5.50 -3.34
C5 GAO A 10 13.42 5.42 -1.98
C6 GAO A 10 13.77 4.31 -1.14
O6 GAO A 10 13.89 3.11 -1.42
N1 GAO A 10 14.00 4.66 0.18
C2 GAO A 10 13.91 5.94 0.65
N2 GAO A 10 14.13 6.12 1.92
N3 GAO A 10 13.63 6.99 -0.10
C4 GAO A 10 13.37 6.67 -1.40
H5' GAO A 10 9.82 10.63 -4.23
H5'' GAO A 10 10.85 11.94 -4.82
H4' GAO A 10 11.51 11.42 -2.57
H3' GAO A 10 13.40 10.70 -4.76
HO3' GAO A 10 13.62 12.39 -2.45
H2' GAO A 10 14.62 10.21 -2.15
HO2' GAO A 10 15.74 9.22 -3.70
H1' GAO A 10 12.85 9.19 -1.21
H8 GAO A 10 12.50 7.30 -4.39
H1 GAO A 10 14.18 3.91 0.83
H21 GAO A 10 14.04 7.07 2.25
H22 GAO A 10 14.35 5.34 2.56
O5' GAO A 1 -14.15 6.79 6.01
C5' GAO A 1 -14.76 6.72 7.31
C4' GAO A 1 -14.46 5.44 8.10
O4' GAO A 1 -14.90 4.29 7.36
C3' GAO A 1 -12.96 5.26 8.40
O3' GAO A 1 -12.82 4.78 9.73
C2' GAO A 1 -12.50 4.27 7.34
O2' GAO A 1 -12.00 4.97 6.21
C1' GAO A 1 -13.79 3.45 7.16
N9 GAO A 1 -13.95 2.83 5.84
C8 GAO A 1 -13.84 3.42 4.61
N7 GAO A 1 -14.15 2.66 3.60
C5 GAO A 1 -14.40 1.42 4.21
C6 GAO A 1 -14.64 0.13 3.64
O6 GAO A 1 -14.84 -0.21 2.46
N1 GAO A 1 -14.61 -0.89 4.57
C2 GAO A 1 -14.47 -0.69 5.92
N2 GAO A 1 -14.40 -1.78 6.67
N3 GAO A 1 -14.29 0.49 6.49
C4 GAO A 1 -14.24 1.51 5.58
H5' GAO A 1 -15.86 6.77 7.20
H5'' GAO A 1 -14.43 7.56 7.93
H4' GAO A 1 -15.01 5.49 9.05
H3' GAO A 1 -12.44 6.22 8.31
H2' GAO A 1 -11.72 3.61 7.71
HO2' GAO A 1 -11.06 5.10 6.37
H1' GAO A 1 -13.77 2.65 7.90
H8 GAO A 1 -13.51 4.44 4.54
H1 GAO A 1 -14.63 -1.83 4.21
H21 GAO A 1 -14.25 -1.59 7.64
H22 GAO A 1 -14.34 -2.70 6.25
HO5' GAO A 1 -13.29 6.35 6.06
P CAR A 2 -11.40 4.78 10.49
OP1 CAR A 2 -11.67 4.93 11.93
OP2 CAR A 2 -10.51 5.72 9.76
O5' CAR A 2 -10.89 3.30 10.19
C5' CAR A 2 -11.52 2.18 10.79
C4' CAR A 2 -11.10 0.89 10.11
O4' CAR A 2 -11.58 0.89 8.77
C3' CAR A 2 -9.58 0.65 10.06
O3' CAR A 2 -9.25 -0.36 11.00
C2' CAR A 2 -9.33 0.21 8.61
O2' CAR A 2 -8.59 1.18 7.88
C1' CAR A 2 -10.75 -0.02 8.08
N1 CAR A 2 -10.89 0.18 6.62
C2 CAR A 2 -11.12 -0.92 5.79
O2 CAR A 2 -11.15 -2.06 6.24
N3 CAR A 2 -11.29 -0.74 4.46
C4 CAR A 2 -11.24 0.49 3.97
N4 CAR A 2 -11.38 0.61 2.68
C5 CAR A 2 -11.00 1.65 4.78
C6 CAR A 2 -10.82 1.44 6.10
H5' CAR A 2 -12.60 2.27 10.66
H5'' CAR A 2 -11.28 2.12 11.86
H4' CAR A 2 -11.56 0.06 10.63
H3' CAR A 2 -9.05 1.59 10.26
H2' CAR A 2 -8.81 -0.74 8.59
HO2' CAR A 2 -7.68 1.14 8.19
H1' CAR A 2 -11.03 -1.05 8.34
HN41 CAR A 2 -11.36 1.53 2.28
HN42 CAR A 2 -11.43 -0.24 2.11
H5 CAR A 2 -10.96 2.68 4.45
H6 CAR A 2 -10.62 2.28 6.74
P UAR A 3 -7.72 -0.76 11.32
OP1 UAR A 3 -7.71 -1.42 12.64
OP2 UAR A 3 -6.88 0.43 11.04
O5' UAR A 3 -7.37 -1.86 10.19
C5' UAR A 3 -7.93 -3.17 10.25
C4' UAR A 3 -7.43 -4.06 9.11
O4' UAR A 3 -7.96 -3.62 7.88
C3' UAR A 3 -5.89 -4.10 9.02
O3' UAR A 3 -5.43 -5.42 9.29
C2' UAR A 3 -5.60 -3.62 7.59
O2' UAR A 3 -5.12 -2.30 7.55
C1' UAR A 3 -6.96 -3.84 6.90
N1 UAR A 3 -7.22 -2.93 5.77
C2 UAR A 3 -7.21 -3.45 4.47
O2 UAR A 3 -6.95 -4.62 4.22
N3 UAR A 3 -7.52 -2.57 3.46
C4 UAR A 3 -7.81 -1.23 3.61
O4 UAR A 3 -8.03 -0.54 2.61
C5 UAR A 3 -7.81 -0.76 4.98
C6 UAR A 3 -7.50 -1.60 6.01
H5' UAR A 3 -9.01 -3.10 10.14
H5'' UAR A 3 -7.68 -3.64 11.20
H4' UAR A 3 -7.80 -5.07 9.29
H3' UAR A 3 -5.46 -3.40 9.74
H2' UAR A 3 -4.89 -4.28 7.10
HO2' UAR A 3 -4.22 -2.29 7.88
H1' UAR A 3 -6.97 -4.87 6.55
H3 UAR A 3 -7.53 -2.94 2.52
H5 UAR A 3 -8.01 0.28 5.18
H6 UAR A 3 -7.44 -1.24 7.03
P A5O A 4 -3.85 -5.71 9.48
N1 A5O A 4 -4.52 -2.76 0.16
C2 A5O A 4 -4.32 -4.07 0.32
N3 A5O A 4 -4.07 -4.72 1.45
C4 A5O A 4 -3.98 -3.88 2.51
C5 A5O A 4 -4.17 -2.52 2.51
C6 A5O A 4 -4.46 -1.98 1.24
N6 A5O A 4 -4.69 -0.70 0.98
N7 A5O A 4 -4.03 -1.99 3.81
C8 A5O A 4 -3.76 -3.06 4.52
N9 A5O A 4 -3.65 -4.22 3.79
C1' A5O A 4 -3.23 -5.57 4.20
C2' A5O A 4 -1.86 -5.65 4.89
O2' A5O A 4 -1.58 -4.58 5.76
C3' A5O A 4 -2.04 -7.02 5.59
O3' A5O A 4 -1.65 -8.15 4.83
C4' A5O A 4 -3.56 -7.14 5.82
O4' A5O A 4 -4.18 -6.07 5.13
C5' A5O A 4 -3.94 -7.14 7.30
O5' A5O A 4 -3.41 -5.99 7.96
OP1 A5O A 4 -3.69 -6.94 10.27
OP2 A5O A 4 -3.19 -4.44 9.87
H2 A5O A 4 -4.40 -4.66 -0.57
H8 A5O A 4 -3.59 -3.04 5.58
HN6 A5O A 4 -4.99 -0.47 0.03
HN6A A5O A 4 -4.68 -0.03 1.73
H5' A5O A 4 -5.03 -7.14 7.37
H1' A5O A 4 -3.15 -6.18 3.31
H2' A5O A 4 -1.07 -5.72 4.11
H3' A5O A 4 -1.51 -7.02 6.56
H4' A5O A 4 -3.92 -8.08 5.38
H5'A A5O A 4 -3.55 -8.04 7.77
HO2' A5O A 4 -1.86 -4.83 6.64
P UAR A 5 -0.14 -8.37 4.29
OP1 UAR A 5 0.18 -9.80 4.40
OP2 UAR A 5 0.73 -7.33 4.90
O5' UAR A 5 -0.38 -8.00 2.73
C5' UAR A 5 -1.29 -8.80 1.99
C4' UAR A 5 -1.35 -8.49 0.49
O4' UAR A 5 -1.85 -7.17 0.29
C3' UAR A 5 0.01 -8.61 -0.18
O3' UAR A 5 -0.16 -9.27 -1.43
C2' UAR A 5 0.48 -7.17 -0.34
O2' UAR A 5 1.25 -6.75 0.77
C1' UAR A 5 -0.88 -6.47 -0.50
N1 UAR A 5 -0.92 -5.04 -0.10
C2 UAR A 5 -1.22 -4.08 -1.07
O2 UAR A 5 -1.39 -4.35 -2.26
N3 UAR A 5 -1.34 -2.78 -0.63
C4 UAR A 5 -1.19 -2.35 0.67
O4 UAR A 5 -1.35 -1.16 0.93
C5 UAR A 5 -0.92 -3.40 1.63
C6 UAR A 5 -0.79 -4.69 1.23
H5' UAR A 5 -2.30 -8.68 2.40
H5'' UAR A 5 -1.01 -9.86 2.09
H4' UAR A 5 -2.05 -9.20 0.03
H3' UAR A 5 0.71 -9.16 0.47
H2' UAR A 5 1.04 -7.05 -1.27
HO2' UAR A 5 0.84 -7.09 1.58
H1' UAR A 5 -1.13 -6.53 -1.56
H3 UAR A 5 -1.59 -2.09 -1.33
H5 UAR A 5 -0.87 -3.16 2.67
H6 UAR A 5 -0.63 -5.47 1.97
P A5O A 6 1.11 -9.77 -2.30
N1 A5O A 6 1.11 -0.01 -3.14
C2 A5O A 6 1.17 -0.61 -4.32
N3 A5O A 6 1.35 -1.90 -4.58
C4 A5O A 6 1.54 -2.61 -3.43
C5 A5O A 6 1.54 -2.14 -2.15
C6 A5O A 6 1.28 -0.77 -2.04
N6 A5O A 6 1.20 -0.10 -0.91
N7 A5O A 6 1.79 -3.18 -1.23
C8 A5O A 6 1.90 -4.23 -2.01
N9 A5O A 6 1.75 -3.95 -3.35
C1' A5O A 6 1.64 -4.87 -4.50
C2' A5O A 6 2.92 -5.70 -4.73
O2' A5O A 6 3.50 -6.08 -3.51
C3' A5O A 6 2.33 -6.88 -5.52
O3' A5O A 6 2.32 -6.73 -6.94
C4' A5O A 6 0.86 -6.92 -5.05
O4' A5O A 6 0.63 -5.81 -4.23
C5' A5O A 6 0.48 -8.21 -4.34
O5' A5O A 6 1.39 -8.53 -3.30
OP1 A5O A 6 0.63 -10.93 -3.09
OP2 A5O A 6 2.28 -9.90 -1.41
H2 A5O A 6 1.12 0.02 -5.20
H8 A5O A 6 2.06 -5.24 -1.64
HN6 A5O A 6 0.96 0.89 -0.94
HN6A A5O A 6 1.33 -0.60 -0.03
H5' A5O A 6 -0.52 -8.06 -3.92
H1' A5O A 6 1.46 -4.30 -5.41
H2' A5O A 6 3.66 -5.16 -5.34
H3' A5O A 6 2.85 -7.83 -5.27
H4' A5O A 6 0.21 -6.82 -5.92
H5'A A5O A 6 0.45 -9.01 -5.08
HO2' A5O A 6 3.63 -7.04 -3.52
P A5O A 7 3.68 -6.73 -7.80
N1 A5O A 7 3.88 1.76 -2.95
C2 A5O A 7 3.62 1.94 -4.23
N3 A5O A 7 3.69 1.05 -5.21
C4 A5O A 7 4.14 -0.15 -4.76
C5 A5O A 7 4.46 -0.49 -3.46
C6 A5O A 7 4.30 0.56 -2.54
N6 A5O A 7 4.49 0.50 -1.23
N7 A5O A 7 4.88 -1.84 -3.39
C8 A5O A 7 4.78 -2.24 -4.64
N9 A5O A 7 4.33 -1.28 -5.51
C1' A5O A 7 3.97 -1.43 -6.93
C2' A5O A 7 5.15 -1.64 -7.86
O2' A5O A 7 6.27 -2.26 -7.27
C3' A5O A 7 4.55 -2.44 -9.02
O3' A5O A 7 4.30 -1.69 -10.20
C4' A5O A 7 3.19 -2.88 -8.49
O4' A5O A 7 3.11 -2.52 -7.12
C5' A5O A 7 2.95 -4.38 -8.68
O5' A5O A 7 3.92 -5.15 -7.97
OP1 A5O A 7 3.37 -7.31 -9.12
OP2 A5O A 7 4.78 -7.29 -6.97
H2 A5O A 7 3.31 2.93 -4.53
H8 A5O A 7 5.01 -3.22 -5.00
HN6 A5O A 7 4.21 1.33 -0.72
HN6A A5O A 7 4.79 -0.36 -0.80
H5' A5O A 7 1.95 -4.60 -8.31
H1' A5O A 7 3.55 -0.48 -7.26
H2' A5O A 7 5.40 -0.62 -8.18
H3' A5O A 7 5.18 -3.31 -9.23
H4' A5O A 7 2.42 -2.33 -9.04
H5'A A5O A 7 3.00 -4.61 -9.74
HO2' A5O A 7 7.03 -2.14 -7.84
P UAR A 8 5.48 -1.15 -11.16
OP1 UAR A 8 4.85 -0.86 -12.48
OP2 UAR A 8 6.65 -2.04 -11.04
O5' UAR A 8 5.83 0.24 -10.44
C5' UAR A 8 4.84 1.26 -10.41
C4' UAR A 8 5.16 2.36 -9.39
O4' UAR A 8 5.19 1.85 -8.06
C3' UAR A 8 6.52 3.02 -9.68
O3' UAR A 8 6.32 4.34 -10.17
C2' UAR A 8 7.23 2.95 -8.31
O2' UAR A 8 8.21 1.92 -8.24
C1' UAR A 8 6.06 2.71 -7.35
N1 UAR A 8 6.52 2.17 -6.05
C2 UAR A 8 6.54 3.03 -4.95
O2 UAR A 8 6.22 4.21 -5.02
N3 UAR A 8 6.95 2.50 -3.76
C4 UAR A 8 7.37 1.20 -3.53
O4 UAR A 8 7.66 0.85 -2.39
C5 UAR A 8 7.33 0.37 -4.72
C6 UAR A 8 6.90 0.85 -5.91
H5' UAR A 8 3.89 0.83 -10.12
H5'' UAR A 8 4.76 1.71 -11.40
H4' UAR A 8 4.38 3.11 -9.46
H3' UAR A 8 7.08 2.43 -10.42
H2' UAR A 8 7.67 3.91 -8.05
HO2' UAR A 8 8.61 1.79 -9.10
H1' UAR A 8 5.57 3.67 -7.16
H3 UAR A 8 6.93 3.13 -2.97
H5 UAR A 8 7.61 -0.67 -4.62
H6 UAR A 8 6.81 0.22 -6.78
P GAO A 9 7.57 5.20 -10.77
OP1 GAO A 9 7.01 6.29 -11.59
OP2 GAO A 9 8.57 4.26 -11.31
O5' GAO A 9 8.18 5.82 -9.41
C5' GAO A 9 7.42 6.80 -8.73
C4' GAO A 9 8.05 7.34 -7.45
O4' GAO A 9 8.04 6.34 -6.44
C3' GAO A 9 9.51 7.77 -7.65
O3' GAO A 9 9.69 9.02 -6.98
C2' GAO A 9 10.31 6.60 -7.04
O2' GAO A 9 10.50 5.54 -7.95
C1' GAO A 9 9.35 6.28 -5.90
N9 GAO A 9 9.61 5.02 -5.18
C8 GAO A 9 9.67 3.74 -5.63
N7 GAO A 9 9.93 2.86 -4.71
C5 GAO A 9 10.05 3.64 -3.54
C6 GAO A 9 10.28 3.30 -2.16
O6 GAO A 9 10.45 2.20 -1.63
N1 GAO A 9 10.30 4.41 -1.32
C2 GAO A 9 10.17 5.71 -1.75
N2 GAO A 9 10.33 6.66 -0.88
N3 GAO A 9 9.93 6.05 -3.01
C4 GAO A 9 9.87 4.97 -3.85
H5' GAO A 9 6.44 6.38 -8.46
H5'' GAO A 9 7.27 7.66 -9.40
H4' GAO A 9 7.44 8.19 -7.16
H3' GAO A 9 9.75 7.87 -8.72
H2' GAO A 9 11.26 6.95 -6.62
HO2' GAO A 9 9.70 5.47 -8.50
H1' GAO A 9 9.51 7.02 -5.13
H8 GAO A 9 9.51 3.49 -6.67
H1 GAO A 9 10.36 4.23 -0.33
H21 GAO A 9 10.30 7.59 -1.27
H22 GAO A 9 10.53 6.48 0.11
P GAO A 10 11.09 9.82 -7.08
OP1 GAO A 10 10.76 11.27 -7.14
OP2 GAO A 10 11.94 9.19 -8.10
O5' GAO A 10 11.73 9.50 -5.64
C5' GAO A 10 11.30 10.27 -4.53
C4' GAO A 10 12.12 10.02 -3.26
O4' GAO A 10 11.92 8.68 -2.84
C3' GAO A 10 13.65 10.22 -3.49
O3' GAO A 10 14.25 11.47 -3.18
C2' GAO A 10 14.26 9.10 -2.62
O2' GAO A 10 15.18 8.40 -3.42
C1' GAO A 10 13.06 8.28 -2.12
N9 GAO A 10 13.26 6.84 -2.27
C8 GAO A 10 13.07 6.12 -3.41
N7 GAO A 10 13.20 4.83 -3.27
C5 GAO A 10 13.48 4.69 -1.90
C6 GAO A 10 13.61 3.52 -1.07
O6 GAO A 10 13.62 2.33 -1.38
N1 GAO A 10 13.77 3.82 0.27
C2 GAO A 10 13.78 5.09 0.78
N2 GAO A 10 13.90 5.19 2.09
N3 GAO A 10 13.68 6.20 0.06
C4 GAO A 10 13.51 5.94 -1.28
H5' GAO A 10 10.25 10.06 -4.31
H5'' GAO A 10 11.43 11.34 -4.77
H4' GAO A 10 11.78 10.70 -2.48
H3' GAO A 10 13.85 9.96 -4.55
HO3' GAO A 10 13.74 11.93 -2.50
H2' GAO A 10 14.74 9.56 -1.75
HO2' GAO A 10 15.94 8.19 -2.88
H1' GAO A 10 12.95 8.45 -1.06
H8 GAO A 10 12.79 6.65 -4.30
H1 GAO A 10 13.80 3.05 0.92
H21 GAO A 10 13.91 6.13 2.44
H22 GAO A 10 13.95 4.37 2.70
O5' GAO A 1 -14.82 7.22 6.26
C5' GAO A 1 -15.42 6.71 7.44
C4' GAO A 1 -14.87 5.35 7.87
O4' GAO A 1 -15.16 4.38 6.87
C3' GAO A 1 -13.36 5.36 8.10
O3' GAO A 1 -13.13 4.91 9.44
C2' GAO A 1 -12.82 4.43 7.00
O2' GAO A 1 -12.43 5.16 5.85
C1' GAO A 1 -14.03 3.53 6.77
N9 GAO A 1 -14.08 2.86 5.45
C8 GAO A 1 -13.96 3.41 4.20
N7 GAO A 1 -14.15 2.59 3.21
C5 GAO A 1 -14.38 1.38 3.85
C6 GAO A 1 -14.61 0.07 3.32
O6 GAO A 1 -14.74 -0.29 2.15
N1 GAO A 1 -14.65 -0.91 4.29
C2 GAO A 1 -14.50 -0.67 5.62
N2 GAO A 1 -14.39 -1.73 6.39
N3 GAO A 1 -14.34 0.53 6.16
C4 GAO A 1 -14.28 1.52 5.22
H5' GAO A 1 -16.49 6.61 7.29
H5'' GAO A 1 -15.25 7.42 8.26
H4' GAO A 1 -15.37 5.05 8.79
H3' GAO A 1 -12.95 6.36 7.98
H2' GAO A 1 -11.98 3.83 7.34
HO2' GAO A 1 -11.78 5.83 6.09
H1' GAO A 1 -14.05 2.75 7.53
H8 GAO A 1 -13.70 4.45 4.09
H1 GAO A 1 -14.67 -1.86 3.94
H21 GAO A 1 -14.12 -1.55 7.34
H22 GAO A 1 -14.40 -2.66 5.98
HO5' GAO A 1 -15.07 6.66 5.51
P CAR A 2 -11.67 4.98 10.13
OP1 CAR A 2 -11.85 5.12 11.59
OP2 CAR A 2 -10.86 5.96 9.37
O5' CAR A 2 -11.14 3.51 9.81
C5' CAR A 2 -11.65 2.40 10.53
C4' CAR A 2 -11.25 1.07 9.87
O4' CAR A 2 -11.71 1.02 8.54
C3' CAR A 2 -9.73 0.86 9.83
O3' CAR A 2 -9.35 -0.08 10.83
C2' CAR A 2 -9.44 0.34 8.41
O2' CAR A 2 -8.63 1.24 7.69
C1' CAR A 2 -10.86 0.11 7.87
N1 CAR A 2 -10.96 0.26 6.40
C2 CAR A 2 -11.05 -0.87 5.59
O2 CAR A 2 -11.04 -2.00 6.09
N3 CAR A 2 -11.17 -0.76 4.25
C4 CAR A 2 -11.20 0.46 3.71
N4 CAR A 2 -11.32 0.52 2.41
C5 CAR A 2 -11.14 1.65 4.50
C6 CAR A 2 -10.99 1.50 5.83
H5' CAR A 2 -12.73 2.45 10.56
H5'' CAR A 2 -11.25 2.42 11.55
H4' CAR A 2 -11.70 0.26 10.42
H3' CAR A 2 -9.22 1.81 9.97
H2' CAR A 2 -8.96 -0.63 8.46
HO2' CAR A 2 -7.80 1.34 8.16
H1' CAR A 2 -11.15 -0.91 8.14
HN41 CAR A 2 -11.43 1.42 1.98
HN42 CAR A 2 -11.34 -0.35 1.88
H5 CAR A 2 -11.23 2.67 4.14
H6 CAR A 2 -10.92 2.38 6.46
P UAR A 3 -7.80 -0.37 11.20
OP1 UAR A 3 -7.77 -0.90 12.57
OP2 UAR A 3 -7.01 0.82 10.82
O5' UAR A 3 -7.40 -1.56 10.19
C5' UAR A 3 -7.93 -2.86 10.38
C4' UAR A 3 -7.45 -3.85 9.32
O4' UAR A 3 -7.95 -3.50 8.05
C3' UAR A 3 -5.92 -3.96 9.21
O3' UAR A 3 -5.54 -5.31 9.47
C2' UAR A 3 -5.60 -3.53 7.77
O2' UAR A 3 -5.12 -2.21 7.65
C1' UAR A 3 -6.95 -3.77 7.08
N1 UAR A 3 -7.19 -2.93 5.88
C2 UAR A 3 -7.17 -3.52 4.62
O2 UAR A 3 -6.91 -4.71 4.43
N3 UAR A 3 -7.51 -2.72 3.55
C4 UAR A 3 -7.80 -1.38 3.63
O4 UAR A 3 -8.08 -0.76 2.60
C5 UAR A 3 -7.76 -0.81 4.95
C6 UAR A 3 -7.46 -1.59 6.02
H5' UAR A 3 -9.01 -2.82 10.35
H5'' UAR A 3 -7.61 -3.23 11.36
H4' UAR A 3 -7.85 -4.83 9.57
H3' UAR A 3 -5.45 -3.30 9.93
H2' UAR A 3 -4.88 -4.22 7.34
HO2' UAR A 3 -4.65 -1.94 8.45
H1' UAR A 3 -6.99 -4.83 6.79
H3 UAR A 3 -7.50 -3.16 2.63
H5 UAR A 3 -7.97 0.24 5.08
H6 UAR A 3 -7.42 -1.17 7.03
P A5O A 4 -3.99 -5.72 9.72
N1 A5O A 4 -4.50 -3.02 0.22
C2 A5O A 4 -4.26 -4.31 0.43
N3 A5O A 4 -3.99 -4.91 1.59
C4 A5O A 4 -3.99 -4.04 2.63
C5 A5O A 4 -4.24 -2.70 2.59
C6 A5O A 4 -4.52 -2.21 1.29
N6 A5O A 4 -4.81 -0.97 1.01
N7 A5O A 4 -4.17 -2.13 3.86
C8 A5O A 4 -3.82 -3.13 4.62
N9 A5O A 4 -3.65 -4.31 3.94
C1' A5O A 4 -3.18 -5.62 4.45
C2' A5O A 4 -1.85 -5.61 5.20
O2' A5O A 4 -1.72 -4.56 6.15
C3' A5O A 4 -1.95 -6.98 5.89
O3' A5O A 4 -1.53 -8.05 5.06
C4' A5O A 4 -3.47 -7.17 6.07
O4' A5O A 4 -4.12 -6.15 5.36
C5' A5O A 4 -3.91 -7.18 7.54
O5' A5O A 4 -3.47 -6.01 8.23
OP1 A5O A 4 -3.97 -6.98 10.48
OP2 A5O A 4 -3.28 -4.53 10.21
H2 A5O A 4 -4.30 -4.93 -0.46
H8 A5O A 4 -3.67 -3.05 5.69
HN6 A5O A 4 -5.08 -0.76 0.04
HN6A A5O A 4 -4.90 -0.29 1.73
H5' A5O A 4 -4.99 -7.23 7.57
H1' A5O A 4 -3.04 -6.27 3.58
H2' A5O A 4 -1.02 -5.58 4.50
H3' A5O A 4 -1.43 -6.99 6.84
H4' A5O A 4 -3.77 -8.13 5.64
H5'A A5O A 4 -3.50 -8.06 8.03
HO2' A5O A 4 -2.13 -4.83 6.99
P UAR A 5 -0.01 -8.26 4.58
OP1 UAR A 5 0.34 -9.69 4.81
OP2 UAR A 5 0.83 -7.19 5.14
O5' UAR A 5 -0.16 -8.01 3.01
C5' UAR A 5 -0.99 -8.89 2.24
C4' UAR A 5 -1.01 -8.57 0.75
O4' UAR A 5 -1.59 -7.30 0.53
C3' UAR A 5 0.40 -8.55 0.13
O3' UAR A 5 0.40 -9.28 -1.08
C2' UAR A 5 0.70 -7.08 -0.07
O2' UAR A 5 1.44 -6.56 1.03
C1' UAR A 5 -0.71 -6.50 -0.25
N1 UAR A 5 -0.86 -5.09 0.16
C2 UAR A 5 -1.16 -4.14 -0.82
O2 UAR A 5 -1.32 -4.42 -2.00
N3 UAR A 5 -1.30 -2.84 -0.40
C4 UAR A 5 -1.18 -2.39 0.89
O4 UAR A 5 -1.31 -1.19 1.13
C5 UAR A 5 -0.92 -3.43 1.88
C6 UAR A 5 -0.77 -4.73 1.49
H5' UAR A 5 -2.02 -8.83 2.61
H5'' UAR A 5 -0.64 -9.91 2.37
H4' UAR A 5 -1.61 -9.32 0.24
H3' UAR A 5 1.12 -8.99 0.82
H2' UAR A 5 1.24 -6.93 -1.00
HO2' UAR A 5 1.13 -6.98 1.85
H1' UAR A 5 -0.96 -6.59 -1.31
H3 UAR A 5 -1.54 -2.15 -1.11
H5 UAR A 5 -0.87 -3.19 2.92
H6 UAR A 5 -0.57 -5.50 2.22
P A5O A 6 1.79 -9.61 -1.85
N1 A5O A 6 1.10 -0.03 -3.11
C2 A5O A 6 1.12 -0.67 -4.28
N3 A5O A 6 1.26 -1.96 -4.50
C4 A5O A 6 1.50 -2.66 -3.35
C5 A5O A 6 1.56 -2.15 -2.09
C6 A5O A 6 1.29 -0.75 -2.00
N6 A5O A 6 1.22 -0.09 -0.87
N7 A5O A 6 1.85 -3.14 -1.16
C8 A5O A 6 1.95 -4.21 -1.91
N9 A5O A 6 1.75 -4.00 -3.24
C1' A5O A 6 1.75 -4.98 -4.36
C2' A5O A 6 3.06 -5.76 -4.54
O2' A5O A 6 3.66 -6.19 -3.33
C3' A5O A 6 2.54 -6.96 -5.35
O3' A5O A 6 2.48 -6.74 -6.75
C4' A5O A 6 1.11 -7.11 -4.83
O4' A5O A 6 0.76 -5.96 -4.10
C5' A5O A 6 0.91 -8.34 -3.95
O5' A5O A 6 1.87 -8.39 -2.90
OP1 A5O A 6 1.61 -10.86 -2.60
OP2 A5O A 6 2.91 -9.46 -0.89
H2 A5O A 6 1.06 -0.05 -5.17
H8 A5O A 6 2.15 -5.19 -1.50
HN6 A5O A 6 0.92 0.89 -0.88
HN6A A5O A 6 1.38 -0.59 -0.02
H5' A5O A 6 -0.09 -8.30 -3.52
H1' A5O A 6 1.54 -4.44 -5.29
H2' A5O A 6 3.75 -5.17 -5.12
H3' A5O A 6 3.14 -7.85 -5.14
H4' A5O A 6 0.42 -7.20 -5.69
H5'A A5O A 6 1.02 -9.24 -4.57
HO2' A5O A 6 3.24 -7.02 -3.04
P A5O A 7 3.79 -6.42 -7.64
N1 A5O A 7 3.82 1.88 -3.04
C2 A5O A 7 3.48 2.07 -4.30
N3 A5O A 7 3.51 1.18 -5.29
C4 A5O A 7 3.96 -0.03 -4.86
C5 A5O A 7 4.36 -0.38 -3.61
C6 A5O A 7 4.24 0.67 -2.66
N6 A5O A 7 4.52 0.60 -1.38
N7 A5O A 7 4.77 -1.72 -3.58
C8 A5O A 7 4.60 -2.10 -4.82
N9 A5O A 7 4.09 -1.14 -5.64
C1' A5O A 7 3.67 -1.23 -7.05
C2' A5O A 7 4.75 -1.64 -8.03
O2' A5O A 7 5.72 -2.53 -7.51
C3' A5O A 7 3.91 -2.25 -9.16
O3' A5O A 7 3.54 -1.32 -10.18
C4' A5O A 7 2.63 -2.71 -8.47
O4' A5O A 7 2.60 -2.14 -7.18
C5' A5O A 7 2.55 -4.23 -8.36
O5' A5O A 7 3.67 -4.82 -7.72
OP1 A5O A 7 3.56 -6.96 -9.00
OP2 A5O A 7 5.00 -6.77 -6.88
H2 A5O A 7 3.16 3.06 -4.58
H8 A5O A 7 4.82 -3.09 -5.19
HN6 A5O A 7 4.27 1.41 -0.82
HN6A A5O A 7 4.84 -0.27 -0.98
H5' A5O A 7 1.63 -4.48 -7.80
H1' A5O A 7 3.37 -0.23 -7.36
H2' A5O A 7 5.20 -0.71 -8.35
H3' A5O A 7 4.43 -3.09 -9.62
H4' A5O A 7 1.77 -2.37 -9.03
H5'A A5O A 7 2.46 -4.65 -9.36
HO2' A5O A 7 5.54 -3.44 -7.81
P UAR A 8 4.59 -0.78 -11.27
OP1 UAR A 8 3.82 -0.37 -12.47
OP2 UAR A 8 5.70 -1.75 -11.40
O5' UAR A 8 5.12 0.52 -10.53
C5' UAR A 8 4.27 1.64 -10.37
C4' UAR A 8 4.84 2.64 -9.37
O4' UAR A 8 4.91 2.08 -8.06
C3' UAR A 8 6.27 3.11 -9.71
O3' UAR A 8 6.22 4.42 -10.26
C2' UAR A 8 7.01 3.03 -8.37
O2' UAR A 8 7.99 2.01 -8.37
C1' UAR A 8 5.87 2.86 -7.38
N1 UAR A 8 6.31 2.27 -6.10
C2 UAR A 8 6.42 3.12 -5.00
O2 UAR A 8 6.18 4.31 -5.03
N3 UAR A 8 6.85 2.55 -3.82
C4 UAR A 8 7.25 1.25 -3.65
O4 UAR A 8 7.59 0.88 -2.53
C5 UAR A 8 7.13 0.42 -4.84
C6 UAR A 8 6.66 0.94 -6.01
H5' UAR A 8 3.30 1.32 -9.99
H5'' UAR A 8 4.12 2.13 -11.34
H4' UAR A 8 4.18 3.51 -9.33
H3' UAR A 8 6.73 2.42 -10.43
H2' UAR A 8 7.50 3.96 -8.12
HO2' UAR A 8 8.67 2.22 -9.01
H1' UAR A 8 5.44 3.85 -7.16
H3 UAR A 8 6.91 3.16 -3.02
H5 UAR A 8 7.39 -0.62 -4.76
H6 UAR A 8 6.54 0.34 -6.90
P GAO A 9 7.54 5.15 -10.82
OP1 GAO A 9 7.10 6.25 -11.73
OP2 GAO A 9 8.49 4.12 -11.30
O5' GAO A 9 8.14 5.81 -9.48
C5' GAO A 9 7.40 6.84 -8.84
C4' GAO A 9 8.01 7.36 -7.54
O4' GAO A 9 7.96 6.36 -6.53
C3' GAO A 9 9.49 7.77 -7.70
O3' GAO A 9 9.69 9.02 -7.06
C2' GAO A 9 10.25 6.63 -7.02
O2' GAO A 9 10.52 5.52 -7.89
C1' GAO A 9 9.24 6.30 -5.92
N9 GAO A 9 9.48 5.03 -5.20
C8 GAO A 9 9.53 3.75 -5.66
N7 GAO A 9 9.83 2.86 -4.75
C5 GAO A 9 9.98 3.63 -3.58
C6 GAO A 9 10.28 3.24 -2.22
O6 GAO A 9 10.47 2.15 -1.72
N1 GAO A 9 10.32 4.33 -1.36
C2 GAO A 9 10.11 5.62 -1.74
N2 GAO A 9 10.24 6.56 -0.83
N3 GAO A 9 9.80 6.00 -2.98
C4 GAO A 9 9.75 4.95 -3.85
H5' GAO A 9 6.39 6.48 -8.62
H5'' GAO A 9 7.30 7.68 -9.53
H4' GAO A 9 7.40 8.23 -7.27
H3' GAO A 9 9.76 7.85 -8.75
H2' GAO A 9 11.17 6.98 -6.56
HO2' GAO A 9 9.82 5.45 -8.55
H1' GAO A 9 9.35 7.03 -5.13
H8 GAO A 9 9.32 3.52 -6.70
H1 GAO A 9 10.51 4.12 -0.39
H21 GAO A 9 10.09 7.49 -1.18
H22 GAO A 9 10.50 6.36 0.14
P GAO A 10 11.13 9.78 -7.07
OP1 GAO A 10 10.88 11.22 -7.25
OP2 GAO A 10 12.04 9.06 -7.98
O5' GAO A 10 11.65 9.54 -5.57
C5' GAO A 10 11.21 10.38 -4.51
C4' GAO A 10 12.00 10.15 -3.24
O4' GAO A 10 11.84 8.81 -2.80
C3' GAO A 10 13.51 10.36 -3.44
O3' GAO A 10 13.95 11.64 -3.00
C2' GAO A 10 14.19 9.24 -2.64
O2' GAO A 10 15.14 8.54 -3.44
C1' GAO A 10 13.01 8.41 -2.12
N9 GAO A 10 13.19 6.96 -2.28
C8 GAO A 10 12.98 6.24 -3.40
N7 GAO A 10 13.17 4.96 -3.26
C5 GAO A 10 13.50 4.82 -1.91
C6 GAO A 10 13.74 3.66 -1.09
O6 GAO A 10 13.75 2.47 -1.38
N1 GAO A 10 13.96 3.96 0.24
C2 GAO A 10 14.00 5.23 0.74
N2 GAO A 10 14.25 5.36 2.02
N3 GAO A 10 13.81 6.34 0.01
C4 GAO A 10 13.54 6.06 -1.30
H5' GAO A 10 10.15 10.21 -4.33
H5'' GAO A 10 11.34 11.43 -4.82
H4' GAO A 10 11.64 10.84 -2.46
H3' GAO A 10 13.73 10.22 -4.50
HO3' GAO A 10 14.87 11.77 -3.26
H2' GAO A 10 14.69 9.67 -1.77
HO2' GAO A 10 14.84 8.46 -4.35
H1' GAO A 10 12.89 8.58 -1.06
H8 GAO A 10 12.65 6.79 -4.28
H1 GAO A 10 14.04 3.18 0.89
H21 GAO A 10 14.34 6.29 2.36
H22 GAO A 10 14.32 4.54 2.65
O5' GAO A 1 -14.55 7.91 8.39
C5' GAO A 1 -14.91 6.62 7.90
C4' GAO A 1 -14.41 5.48 8.81
O4' GAO A 1 -14.86 4.26 8.25
C3' GAO A 1 -12.88 5.39 8.91
O3' GAO A 1 -12.47 4.95 10.19
C2' GAO A 1 -12.52 4.42 7.79
O2' GAO A 1 -12.19 5.11 6.59
C1' GAO A 1 -13.75 3.51 7.79
N9 GAO A 1 -14.08 2.88 6.50
C8 GAO A 1 -14.17 3.49 5.28
N7 GAO A 1 -14.49 2.70 4.29
C5 GAO A 1 -14.56 1.45 4.90
C6 GAO A 1 -14.80 0.16 4.32
O6 GAO A 1 -15.07 -0.14 3.17
N1 GAO A 1 -14.65 -0.87 5.22
C2 GAO A 1 -14.36 -0.69 6.54
N2 GAO A 1 -14.15 -1.77 7.26
N3 GAO A 1 -14.19 0.50 7.13
C4 GAO A 1 -14.29 1.54 6.24
H5' GAO A 1 -14.53 6.48 6.89
H5'' GAO A 1 -16.00 6.56 7.85
H4' GAO A 1 -14.83 5.60 9.80
H3' GAO A 1 -12.44 6.37 8.72
H2' GAO A 1 -11.65 3.82 8.04
HO2' GAO A 1 -11.35 5.57 6.71
H1' GAO A 1 -13.58 2.69 8.50
H8 GAO A 1 -13.95 4.52 5.19
H1 GAO A 1 -14.65 -1.80 4.82
H21 GAO A 1 -13.87 -1.61 8.21
H22 GAO A 1 -14.15 -2.69 6.82
HO5' GAO A 1 -13.85 8.28 7.86
P CAR A 2 -10.91 4.94 10.64
OP1 CAR A 2 -10.84 5.11 12.10
OP2 CAR A 2 -10.20 5.87 9.72
O5' CAR A 2 -10.51 3.44 10.26
C5' CAR A 2 -11.00 2.35 11.03
C4' CAR A 2 -10.74 1.01 10.34
O4' CAR A 2 -11.34 0.98 9.05
C3' CAR A 2 -9.26 0.69 10.14
O3' CAR A 2 -8.87 -0.33 11.06
C2' CAR A 2 -9.12 0.23 8.68
O2' CAR A 2 -8.37 1.14 7.89
C1' CAR A 2 -10.58 0.05 8.28
N1 CAR A 2 -10.82 0.28 6.82
C2 CAR A 2 -10.93 -0.82 5.97
O2 CAR A 2 -10.79 -1.96 6.39
N3 CAR A 2 -11.19 -0.63 4.65
C4 CAR A 2 -11.33 0.60 4.19
N4 CAR A 2 -11.61 0.72 2.92
C5 CAR A 2 -11.19 1.75 5.03
C6 CAR A 2 -10.91 1.54 6.32
H5' CAR A 2 -12.07 2.46 11.18
H5'' CAR A 2 -10.53 2.34 12.01
H4' CAR A 2 -11.19 0.20 10.93
H3' CAR A 2 -8.67 1.61 10.28
H2' CAR A 2 -8.65 -0.74 8.65
HO2' CAR A 2 -7.50 1.27 8.29
H1' CAR A 2 -10.89 -0.96 8.53
HN41 CAR A 2 -11.78 1.62 2.53
HN42 CAR A 2 -11.60 -0.14 2.35
H5 CAR A 2 -11.30 2.78 4.73
H6 CAR A 2 -10.76 2.38 6.98
P UAR A 3 -7.33 -0.71 11.33
OP1 UAR A 3 -7.26 -1.37 12.65
OP2 UAR A 3 -6.51 0.50 11.05
O5' UAR A 3 -7.01 -1.80 10.19
C5' UAR A 3 -7.44 -3.14 10.31
C4' UAR A 3 -6.93 -4.04 9.18
O4' UAR A 3 -7.59 -3.70 7.98
C3' UAR A 3 -5.41 -3.98 8.95
O3' UAR A 3 -4.80 -5.22 9.25
C2' UAR A 3 -5.26 -3.61 7.46
O2' UAR A 3 -4.75 -2.30 7.29
C1' UAR A 3 -6.67 -3.88 6.91
N1 UAR A 3 -7.06 -3.00 5.79
C2 UAR A 3 -7.11 -3.54 4.49
O2 UAR A 3 -6.86 -4.71 4.23
N3 UAR A 3 -7.47 -2.67 3.49
C4 UAR A 3 -7.80 -1.34 3.64
O4 UAR A 3 -8.12 -0.69 2.65
C5 UAR A 3 -7.74 -0.86 5.00
C6 UAR A 3 -7.38 -1.68 6.01
H5' UAR A 3 -8.53 -3.18 10.33
H5'' UAR A 3 -7.08 -3.55 11.26
H4' UAR A 3 -7.19 -5.08 9.43
H3' UAR A 3 -4.98 -3.19 9.56
H2' UAR A 3 -4.58 -4.30 6.97
HO2' UAR A 3 -3.90 -2.23 7.74
H1' UAR A 3 -6.70 -4.93 6.59
H3 UAR A 3 -7.51 -3.06 2.55
H5 UAR A 3 -7.99 0.17 5.19
H6 UAR A 3 -7.32 -1.33 7.03
P A5O A 4 -3.19 -5.41 9.25
N1 A5O A 4 -4.59 -2.99 -0.08
C2 A5O A 4 -4.31 -4.27 0.10
N3 A5O A 4 -3.97 -4.89 1.23
C4 A5O A 4 -3.93 -4.03 2.28
C5 A5O A 4 -4.20 -2.68 2.26
C6 A5O A 4 -4.54 -2.18 0.98
N6 A5O A 4 -4.83 -0.91 0.76
N7 A5O A 4 -4.05 -2.12 3.53
C8 A5O A 4 -3.66 -3.13 4.26
N9 A5O A 4 -3.54 -4.32 3.57
C1' A5O A 4 -3.01 -5.63 4.02
C2' A5O A 4 -1.62 -5.57 4.67
O2' A5O A 4 -1.46 -4.52 5.59
C3' A5O A 4 -1.61 -6.94 5.34
O3' A5O A 4 -1.22 -8.01 4.48
C4' A5O A 4 -3.09 -7.16 5.71
O4' A5O A 4 -3.85 -6.20 5.00
C5' A5O A 4 -3.35 -7.04 7.21
O5' A5O A 4 -2.90 -5.80 7.72
OP1 A5O A 4 -2.85 -6.57 10.10
OP2 A5O A 4 -2.58 -4.08 9.48
H2 A5O A 4 -4.41 -4.89 -0.79
H8 A5O A 4 -3.43 -3.04 5.30
HN6 A5O A 4 -5.14 -0.64 -0.18
HN6A A5O A 4 -4.83 -0.27 1.53
H5' A5O A 4 -4.43 -7.14 7.38
H1' A5O A 4 -2.93 -6.26 3.14
H2' A5O A 4 -0.86 -5.51 3.88
H3' A5O A 4 -0.96 -6.92 6.22
H4' A5O A 4 -3.40 -8.15 5.38
H5'A A5O A 4 -2.85 -7.85 7.73
HO2' A5O A 4 -1.91 -4.77 6.42
P UAR A 5 0.29 -8.21 3.96
OP1 UAR A 5 0.72 -9.59 4.28
OP2 UAR A 5 1.11 -7.06 4.35
O5' UAR A 5 0.00 -8.12 2.39
C5' UAR A 5 -0.89 -9.05 1.78
C4' UAR A 5 -1.12 -8.78 0.29
O4' UAR A 5 -1.67 -7.48 0.11
C3' UAR A 5 0.17 -8.85 -0.52
O3' UAR A 5 -0.14 -9.49 -1.76
C2' UAR A 5 0.57 -7.38 -0.67
O2' UAR A 5 1.40 -6.94 0.41
C1' UAR A 5 -0.80 -6.71 -0.71
N1 UAR A 5 -0.87 -5.28 -0.30
C2 UAR A 5 -1.22 -4.34 -1.26
O2 UAR A 5 -1.40 -4.60 -2.45
N3 UAR A 5 -1.36 -3.04 -0.85
C4 UAR A 5 -1.16 -2.57 0.43
O4 UAR A 5 -1.31 -1.37 0.67
C5 UAR A 5 -0.81 -3.60 1.39
C6 UAR A 5 -0.68 -4.89 1.01
H5' UAR A 5 -1.86 -8.99 2.27
H5'' UAR A 5 -0.50 -10.06 1.91
H4' UAR A 5 -1.83 -9.52 -0.08
H3' UAR A 5 0.93 -9.41 0.01
H2' UAR A 5 1.08 -7.22 -1.61
HO2' UAR A 5 1.03 -7.29 1.24
H1' UAR A 5 -1.14 -6.76 -1.76
H3 UAR A 5 -1.58 -2.38 -1.57
H5 UAR A 5 -0.67 -3.33 2.43
H6 UAR A 5 -0.43 -5.66 1.74
P A5O A 6 1.00 -10.12 -2.70
N1 A5O A 6 1.14 -0.09 -3.32
C2 A5O A 6 1.25 -0.71 -4.50
N3 A5O A 6 1.45 -2.00 -4.73
C4 A5O A 6 1.59 -2.70 -3.58
C5 A5O A 6 1.54 -2.22 -2.30
C6 A5O A 6 1.28 -0.83 -2.21
N6 A5O A 6 1.10 -0.17 -1.07
N7 A5O A 6 1.75 -3.25 -1.38
C8 A5O A 6 1.88 -4.30 -2.14
N9 A5O A 6 1.81 -4.05 -3.49
C1' A5O A 6 1.81 -5.00 -4.61
C2' A5O A 6 3.11 -5.80 -4.79
O2' A5O A 6 3.74 -6.13 -3.56
C3' A5O A 6 2.59 -7.02 -5.58
O3' A5O A 6 2.66 -6.93 -7.00
C4' A5O A 6 1.09 -7.07 -5.23
O4' A5O A 6 0.80 -5.97 -4.38
C5' A5O A 6 0.63 -8.38 -4.62
O5' A5O A 6 1.42 -8.82 -3.54
OP1 A5O A 6 0.36 -11.08 -3.62
OP2 A5O A 6 2.12 -10.54 -1.84
H2 A5O A 6 1.22 -0.11 -5.39
H8 A5O A 6 2.01 -5.31 -1.76
HN6 A5O A 6 0.84 0.82 -1.10
HN6A A5O A 6 1.09 -0.68 -0.20
H5' A5O A 6 -0.41 -8.28 -4.31
H1' A5O A 6 1.61 -4.45 -5.54
H2' A5O A 6 3.81 -5.21 -5.40
H3' A5O A 6 3.10 -7.92 -5.25
H4' A5O A 6 0.52 -6.90 -6.15
H5'A A5O A 6 0.66 -9.15 -5.40
HO2' A5O A 6 4.63 -5.79 -3.54
P A5O A 7 4.04 -6.86 -7.82
N1 A5O A 7 3.84 1.80 -3.16
C2 A5O A 7 3.62 1.93 -4.46
N3 A5O A 7 3.75 1.00 -5.40
C4 A5O A 7 4.20 -0.19 -4.89
C5 A5O A 7 4.49 -0.47 -3.59
C6 A5O A 7 4.25 0.60 -2.70
N6 A5O A 7 4.41 0.57 -1.38
N7 A5O A 7 4.96 -1.78 -3.47
C8 A5O A 7 4.92 -2.22 -4.71
N9 A5O A 7 4.44 -1.32 -5.60
C1' A5O A 7 4.14 -1.51 -7.04
C2' A5O A 7 5.35 -1.74 -7.92
O2' A5O A 7 6.48 -2.33 -7.30
C3' A5O A 7 4.77 -2.55 -9.09
O3' A5O A 7 4.56 -1.80 -10.28
C4' A5O A 7 3.40 -3.02 -8.58
O4' A5O A 7 3.28 -2.61 -7.23
C5' A5O A 7 3.19 -4.54 -8.68
O5' A5O A 7 4.16 -5.26 -7.95
OP1 A5O A 7 3.82 -7.42 -9.18
OP2 A5O A 7 5.13 -7.36 -6.97
H2 A5O A 7 3.31 2.90 -4.79
H8 A5O A 7 5.23 -3.21 -5.04
HN6 A5O A 7 4.12 1.39 -0.86
HN6A A5O A 7 4.70 -0.29 -0.95
H5' A5O A 7 2.19 -4.77 -8.31
H1' A5O A 7 3.71 -0.57 -7.37
H2' A5O A 7 5.59 -0.74 -8.26
H3' A5O A 7 5.42 -3.41 -9.29
H4' A5O A 7 2.61 -2.53 -9.15
H5'A A5O A 7 3.23 -4.83 -9.74
HO2' A5O A 7 7.19 -2.44 -7.97
P UAR A 8 5.78 -1.20 -11.15
OP1 UAR A 8 5.29 -0.94 -12.52
OP2 UAR A 8 6.96 -2.06 -10.94
O5' UAR A 8 6.02 0.20 -10.41
C5' UAR A 8 5.02 1.21 -10.46
C4' UAR A 8 5.33 2.36 -9.49
O4' UAR A 8 5.29 1.91 -8.14
C3' UAR A 8 6.71 3.01 -9.72
O3' UAR A 8 6.54 4.36 -10.13
C2' UAR A 8 7.39 2.90 -8.34
O2' UAR A 8 8.36 1.86 -8.30
C1' UAR A 8 6.19 2.73 -7.42
N1 UAR A 8 6.56 2.19 -6.10
C2 UAR A 8 6.55 3.05 -5.00
O2 UAR A 8 6.20 4.23 -5.05
N3 UAR A 8 6.94 2.53 -3.80
C4 UAR A 8 7.34 1.24 -3.55
O4 UAR A 8 7.60 0.90 -2.41
C5 UAR A 8 7.35 0.40 -4.73
C6 UAR A 8 6.94 0.88 -5.95
H5' UAR A 8 4.05 0.79 -10.18
H5'' UAR A 8 4.95 1.60 -11.47
H4' UAR A 8 4.57 3.13 -9.60
H3' UAR A 8 7.26 2.43 -10.45
H2' UAR A 8 7.89 3.82 -8.07
HO2' UAR A 8 8.97 1.96 -9.03
H1' UAR A 8 5.73 3.71 -7.26
H3 UAR A 8 6.92 3.15 -3.00
H5 UAR A 8 7.64 -0.64 -4.61
H6 UAR A 8 6.88 0.25 -6.82
P GAO A 9 7.80 5.27 -10.58
OP1 GAO A 9 7.31 6.37 -11.44
OP2 GAO A 9 8.87 4.37 -11.05
O5' GAO A 9 8.25 5.89 -9.17
C5' GAO A 9 7.47 6.91 -8.56
C4' GAO A 9 8.10 7.47 -7.27
O4' GAO A 9 8.05 6.51 -6.21
C3' GAO A 9 9.59 7.82 -7.48
O3' GAO A 9 9.85 9.07 -6.84
C2' GAO A 9 10.32 6.62 -6.84
O2' GAO A 9 10.43 5.52 -7.71
C1' GAO A 9 9.36 6.37 -5.68
N9 GAO A 9 9.59 5.11 -4.93
C8 GAO A 9 9.65 3.81 -5.38
N7 GAO A 9 9.93 2.94 -4.44
C5 GAO A 9 10.04 3.72 -3.27
C6 GAO A 9 10.27 3.39 -1.89
O6 GAO A 9 10.43 2.29 -1.34
N1 GAO A 9 10.29 4.49 -1.05
C2 GAO A 9 10.13 5.77 -1.48
N2 GAO A 9 10.25 6.73 -0.59
N3 GAO A 9 9.90 6.12 -2.74
C4 GAO A 9 9.85 5.05 -3.59
H5' GAO A 9 6.48 6.52 -8.33
H5'' GAO A 9 7.35 7.74 -9.26
H4' GAO A 9 7.54 8.37 -7.02
H3' GAO A 9 9.85 7.89 -8.54
H2' GAO A 9 11.29 6.92 -6.45
HO2' GAO A 9 9.66 5.53 -8.32
H1' GAO A 9 9.57 7.12 -4.92
H8 GAO A 9 9.46 3.58 -6.40
H1 GAO A 9 10.39 4.31 -0.07
H21 GAO A 9 10.18 7.64 -0.97
H22 GAO A 9 10.45 6.53 0.40
P GAO A 10 11.29 9.79 -6.98
OP1 GAO A 10 11.06 11.24 -7.17
OP2 GAO A 10 12.13 9.04 -7.93
O5' GAO A 10 11.86 9.56 -5.48
C5' GAO A 10 11.34 10.31 -4.40
C4' GAO A 10 12.15 10.10 -3.11
O4' GAO A 10 11.95 8.80 -2.60
C3' GAO A 10 13.66 10.31 -3.29
O3' GAO A 10 14.02 11.63 -2.85
C2' GAO A 10 14.32 9.21 -2.47
O2' GAO A 10 15.26 8.46 -3.25
C1' GAO A 10 13.12 8.42 -1.92
N9 GAO A 10 13.27 6.95 -2.05
C8 GAO A 10 13.13 6.24 -3.19
N7 GAO A 10 13.29 4.96 -3.05
C5 GAO A 10 13.52 4.81 -1.66
C6 GAO A 10 13.69 3.64 -0.84
O6 GAO A 10 13.73 2.46 -1.14
N1 GAO A 10 13.79 3.94 0.52
C2 GAO A 10 13.74 5.21 1.02
N2 GAO A 10 13.80 5.33 2.32
N3 GAO A 10 13.62 6.31 0.29
C4 GAO A 10 13.49 6.05 -1.05
H5' GAO A 10 10.31 10.04 -4.23
H5'' GAO A 10 11.37 11.37 -4.65
H4' GAO A 10 11.79 10.82 -2.37
H3' GAO A 10 13.91 10.17 -4.34
HO3' GAO A 10 14.84 11.61 -2.36
H2' GAO A 10 14.83 9.67 -1.62
HO2' GAO A 10 15.83 9.01 -3.78
H1' GAO A 10 13.00 8.60 -0.86
H8 GAO A 10 12.88 6.78 -4.09
H1 GAO A 10 13.75 3.18 1.18
H21 GAO A 10 13.70 6.27 2.64
H22 GAO A 10 13.82 4.53 2.96
O5' GAO A 1 -15.46 6.65 7.51
C5' GAO A 1 -15.84 6.05 8.74
C4' GAO A 1 -15.14 4.71 9.00
O4' GAO A 1 -15.45 3.80 7.98
C3' GAO A 1 -13.61 4.86 9.06
O3' GAO A 1 -13.16 4.34 10.30
C2' GAO A 1 -13.11 4.08 7.85
O2' GAO A 1 -12.82 4.92 6.74
C1' GAO A 1 -14.27 3.09 7.66
N9 GAO A 1 -14.42 2.51 6.32
C8 GAO A 1 -14.38 3.13 5.09
N7 GAO A 1 -14.64 2.36 4.08
C5 GAO A 1 -14.78 1.11 4.66
C6 GAO A 1 -14.98 -0.19 4.08
O6 GAO A 1 -15.18 -0.47 2.90
N1 GAO A 1 -14.90 -1.21 5.00
C2 GAO A 1 -14.73 -1.04 6.34
N2 GAO A 1 -14.64 -2.11 7.08
N3 GAO A 1 -14.60 0.15 6.93
C4 GAO A 1 -14.61 1.19 6.03
H5' GAO A 1 -16.91 5.90 8.74
H5'' GAO A 1 -15.58 6.73 9.56
H4' GAO A 1 -15.49 4.31 9.95
H3' GAO A 1 -13.32 5.90 8.98
H2' GAO A 1 -12.21 3.53 8.09
HO2' GAO A 1 -12.33 5.70 7.02
H1' GAO A 1 -14.12 2.27 8.35
H8 GAO A 1 -14.15 4.17 5.03
H1 GAO A 1 -14.88 -2.15 4.61
H21 GAO A 1 -14.49 -1.95 8.06
H22 GAO A 1 -14.62 -3.05 6.66
HO5' GAO A 1 -15.84 6.14 6.79
P CAR A 2 -11.65 4.55 10.82
OP1 CAR A 2 -11.69 4.68 12.29
OP2 CAR A 2 -11.01 5.58 9.98
O5' CAR A 2 -11.03 3.11 10.44
C5' CAR A 2 -11.41 1.97 11.18
C4' CAR A 2 -11.00 0.68 10.48
O4' CAR A 2 -11.63 0.64 9.21
C3' CAR A 2 -9.49 0.54 10.25
O3' CAR A 2 -8.93 -0.44 11.11
C2' CAR A 2 -9.36 0.12 8.78
O2' CAR A 2 -8.69 1.07 7.97
C1' CAR A 2 -10.82 -0.18 8.40
N1 CAR A 2 -11.13 0.07 6.96
C2 CAR A 2 -11.27 -1.03 6.12
O2 CAR A 2 -11.21 -2.18 6.54
N3 CAR A 2 -11.48 -0.84 4.79
C4 CAR A 2 -11.55 0.40 4.32
N4 CAR A 2 -11.75 0.51 3.03
C5 CAR A 2 -11.43 1.55 5.16
C6 CAR A 2 -11.20 1.34 6.47
H5' CAR A 2 -12.49 1.95 11.30
H5'' CAR A 2 -10.96 2.00 12.17
H4' CAR A 2 -11.35 -0.18 11.05
H3' CAR A 2 -9.00 1.50 10.39
H2' CAR A 2 -8.83 -0.83 8.71
HO2' CAR A 2 -7.77 1.12 8.26
H1' CAR A 2 -11.01 -1.22 8.64
HN41 CAR A 2 -11.89 1.42 2.64
HN42 CAR A 2 -11.78 -0.34 2.47
H5 CAR A 2 -11.51 2.58 4.85
H6 CAR A 2 -11.07 2.18 7.12
P UAR A 3 -7.33 -0.67 11.21
OP1 UAR A 3 -7.03 -1.26 12.53
OP2 UAR A 3 -6.67 0.58 10.77
O5' UAR A 3 -7.05 -1.79 10.08
C5' UAR A 3 -7.52 -3.11 10.25
C4' UAR A 3 -7.09 -4.05 9.12
O4' UAR A 3 -7.73 -3.67 7.92
C3' UAR A 3 -5.57 -4.06 8.88
O3' UAR A 3 -5.07 -5.39 9.01
C2' UAR A 3 -5.41 -3.50 7.47
O2' UAR A 3 -5.07 -2.13 7.48
C1' UAR A 3 -6.79 -3.81 6.87
N1 UAR A 3 -7.19 -2.90 5.75
C2 UAR A 3 -7.18 -3.40 4.45
O2 UAR A 3 -6.84 -4.54 4.16
N3 UAR A 3 -7.58 -2.53 3.45
C4 UAR A 3 -7.97 -1.22 3.63
O4 UAR A 3 -8.27 -0.54 2.66
C5 UAR A 3 -7.97 -0.78 5.01
C6 UAR A 3 -7.59 -1.61 6.02
H5' UAR A 3 -8.61 -3.09 10.29
H5'' UAR A 3 -7.14 -3.50 11.19
H4' UAR A 3 -7.41 -5.06 9.37
H3' UAR A 3 -5.07 -3.41 9.60
H2' UAR A 3 -4.67 -4.07 6.91
HO2' UAR A 3 -5.56 -1.69 8.19
H1' UAR A 3 -6.77 -4.83 6.50
H3 UAR A 3 -7.59 -2.89 2.51
H5 UAR A 3 -8.28 0.23 5.24
H6 UAR A 3 -7.60 -1.29 7.04
P A5O A 4 -3.50 -5.67 9.23
N1 A5O A 4 -4.71 -2.37 -0.13
C2 A5O A 4 -4.38 -3.63 0.10
N3 A5O A 4 -4.05 -4.20 1.25
C4 A5O A 4 -4.10 -3.32 2.29
C5 A5O A 4 -4.45 -2.01 2.23
C6 A5O A 4 -4.73 -1.54 0.92
N6 A5O A 4 -5.01 -0.28 0.64
N7 A5O A 4 -4.44 -1.41 3.49
C8 A5O A 4 -4.02 -2.38 4.26
N9 A5O A 4 -3.74 -3.55 3.60
C1' A5O A 4 -2.96 -4.72 4.06
C2' A5O A 4 -1.73 -4.40 4.91
O2' A5O A 4 -1.98 -3.60 6.06
C3' A5O A 4 -1.35 -5.83 5.26
O3' A5O A 4 -0.63 -6.32 4.14
C4' A5O A 4 -2.72 -6.51 5.42
O4' A5O A 4 -3.69 -5.64 4.83
C5' A5O A 4 -3.09 -6.77 6.89
O5' A5O A 4 -2.94 -5.63 7.71
OP1 A5O A 4 -3.36 -7.05 9.74
OP2 A5O A 4 -2.92 -4.54 9.97
H2 A5O A 4 -4.41 -4.27 -0.78
H8 A5O A 4 -3.87 -2.26 5.33
HN6 A5O A 4 -5.27 -0.04 -0.32
HN6A A5O A 4 -4.98 0.40 1.38
H5' A5O A 4 -4.13 -7.10 6.91
H1' A5O A 4 -2.60 -5.21 3.14
H2' A5O A 4 -0.96 -3.94 4.29
H3' A5O A 4 -0.75 -5.87 6.16
H4' A5O A 4 -2.73 -7.45 4.89
H5'A A5O A 4 -2.46 -7.57 7.26
HO2' A5O A 4 -2.34 -4.17 6.76
P UAR A 5 0.33 -7.60 4.26
OP1 UAR A 5 -0.30 -8.59 5.16
OP2 UAR A 5 1.70 -7.11 4.50
O5' UAR A 5 0.20 -8.08 2.75
C5' UAR A 5 -0.99 -8.70 2.26
C4' UAR A 5 -1.22 -8.33 0.79
O4' UAR A 5 -1.67 -6.99 0.69
C3' UAR A 5 0.07 -8.45 -0.03
O3' UAR A 5 -0.17 -9.13 -1.25
C2' UAR A 5 0.49 -7.00 -0.23
O2' UAR A 5 1.34 -6.52 0.80
C1' UAR A 5 -0.89 -6.32 -0.27
N1 UAR A 5 -0.92 -4.85 -0.02
C2 UAR A 5 -1.36 -4.02 -1.05
O2 UAR A 5 -1.64 -4.41 -2.18
N3 UAR A 5 -1.49 -2.68 -0.77
C4 UAR A 5 -1.25 -2.09 0.45
O4 UAR A 5 -1.45 -0.89 0.59
C5 UAR A 5 -0.79 -3.00 1.48
C6 UAR A 5 -0.63 -4.32 1.22
H5' UAR A 5 -1.85 -8.36 2.83
H5'' UAR A 5 -0.90 -9.78 2.35
H4' UAR A 5 -1.98 -8.98 0.37
H3' UAR A 5 0.85 -8.98 0.54
H2' UAR A 5 0.97 -6.90 -1.20
HO2' UAR A 5 1.07 -6.93 1.64
H1' UAR A 5 -1.28 -6.49 -1.28
H3 UAR A 5 -1.78 -2.06 -1.52
H5 UAR A 5 -0.56 -2.60 2.45
H6 UAR A 5 -0.30 -5.00 2.00
P A5O A 6 1.07 -9.62 -2.18
N1 A5O A 6 1.10 0.06 -3.36
C2 A5O A 6 1.16 -0.58 -4.54
N3 A5O A 6 1.29 -1.88 -4.76
C4 A5O A 6 1.43 -2.58 -3.61
C5 A5O A 6 1.42 -2.08 -2.33
C6 A5O A 6 1.20 -0.68 -2.25
N6 A5O A 6 1.09 -0.01 -1.11
N7 A5O A 6 1.62 -3.09 -1.40
C8 A5O A 6 1.72 -4.16 -2.14
N9 A5O A 6 1.59 -3.93 -3.49
C1' A5O A 6 1.52 -4.91 -4.61
C2' A5O A 6 2.76 -5.79 -4.81
O2' A5O A 6 3.32 -6.26 -3.60
C3' A5O A 6 2.13 -6.93 -5.61
O3' A5O A 6 2.08 -6.72 -7.01
C4' A5O A 6 0.68 -6.97 -5.12
O4' A5O A 6 0.46 -5.79 -4.37
C5' A5O A 6 0.36 -8.23 -4.30
O5' A5O A 6 1.24 -8.37 -3.20
OP1 A5O A 6 0.62 -10.80 -2.96
OP2 A5O A 6 2.28 -9.69 -1.36
H2 A5O A 6 1.17 0.04 -5.43
H8 A5O A 6 1.85 -5.15 -1.74
HN6 A5O A 6 0.85 0.98 -1.14
HN6A A5O A 6 1.11 -0.52 -0.26
H5' A5O A 6 -0.68 -8.16 -3.94
H1' A5O A 6 1.37 -4.34 -5.54
H2' A5O A 6 3.50 -5.26 -5.40
H3' A5O A 6 2.65 -7.87 -5.39
H4' A5O A 6 0.01 -6.95 -5.98
H5'A A5O A 6 0.44 -9.10 -4.94
HO2' A5O A 6 2.83 -7.04 -3.29
P A5O A 7 3.40 -6.76 -7.93
N1 A5O A 7 3.87 1.80 -3.15
C2 A5O A 7 3.65 1.96 -4.45
N3 A5O A 7 3.75 1.05 -5.40
C4 A5O A 7 4.14 -0.16 -4.90
C5 A5O A 7 4.40 -0.48 -3.60
C6 A5O A 7 4.22 0.61 -2.70
N6 A5O A 7 4.39 0.55 -1.40
N7 A5O A 7 4.80 -1.82 -3.49
C8 A5O A 7 4.74 -2.25 -4.73
N9 A5O A 7 4.31 -1.31 -5.63
C1' A5O A 7 4.00 -1.46 -7.05
C2' A5O A 7 5.18 -1.79 -7.95
O2' A5O A 7 6.23 -2.51 -7.33
C3' A5O A 7 4.51 -2.53 -9.12
O3' A5O A 7 4.31 -1.75 -10.29
C4' A5O A 7 3.12 -2.88 -8.59
O4' A5O A 7 3.05 -2.49 -7.24
C5' A5O A 7 2.76 -4.36 -8.74
O5' A5O A 7 3.68 -5.18 -8.06
OP1 A5O A 7 3.02 -7.28 -9.26
OP2 A5O A 7 4.50 -7.39 -7.17
H2 A5O A 7 3.39 2.95 -4.78
H8 A5O A 7 4.98 -3.23 -5.06
HN6 A5O A 7 4.11 1.38 -0.87
HN6A A5O A 7 4.69 -0.30 -0.95
H5' A5O A 7 1.76 -4.51 -8.33
H1' A5O A 7 3.63 -0.49 -7.40
H2' A5O A 7 5.54 -0.81 -8.26
H3' A5O A 7 5.07 -3.44 -9.35
H4' A5O A 7 2.37 -2.29 -9.13
H5'A A5O A 7 2.75 -4.61 -9.80
HO2' A5O A 7 6.95 -2.65 -7.95
P UAR A 8 5.53 -1.23 -11.21
OP1 UAR A 8 4.99 -0.91 -12.55
OP2 UAR A 8 6.66 -2.16 -11.06
O5' UAR A 8 5.89 0.14 -10.46
C5' UAR A 8 4.97 1.23 -10.45
C4' UAR A 8 5.42 2.31 -9.47
O4' UAR A 8 5.34 1.85 -8.13
C3' UAR A 8 6.86 2.80 -9.70
O3' UAR A 8 6.86 4.10 -10.28
C2' UAR A 8 7.48 2.77 -8.30
O2' UAR A 8 8.43 1.71 -8.17
C1' UAR A 8 6.25 2.64 -7.40
N1 UAR A 8 6.59 2.09 -6.08
C2 UAR A 8 6.66 2.97 -5.00
O2 UAR A 8 6.43 4.17 -5.08
N3 UAR A 8 7.03 2.42 -3.79
C4 UAR A 8 7.35 1.12 -3.53
O4 UAR A 8 7.58 0.77 -2.38
C5 UAR A 8 7.30 0.27 -4.71
C6 UAR A 8 6.91 0.75 -5.92
H5' UAR A 8 3.99 0.87 -10.12
H5'' UAR A 8 4.88 1.64 -11.45
H4' UAR A 8 4.75 3.17 -9.57
H3' UAR A 8 7.39 2.11 -10.36
H2' UAR A 8 7.96 3.70 -8.04
HO2' UAR A 8 8.94 1.62 -8.98
H1' UAR A 8 5.81 3.63 -7.25
H3 UAR A 8 7.04 3.06 -3.01
H5 UAR A 8 7.53 -0.79 -4.59
H6 UAR A 8 6.83 0.14 -6.80
P GAO A 9 8.24 4.81 -10.75
OP1 GAO A 9 7.90 5.86 -11.74
OP2 GAO A 9 9.21 3.75 -11.08
O5' GAO A 9 8.71 5.52 -9.39
C5' GAO A 9 7.90 6.54 -8.83
C4' GAO A 9 8.45 7.16 -7.55
O4' GAO A 9 8.32 6.24 -6.47
C3' GAO A 9 9.92 7.57 -7.63
O3' GAO A 9 10.06 8.84 -7.01
C2' GAO A 9 10.63 6.43 -6.88
O2' GAO A 9 10.86 5.32 -7.72
C1' GAO A 9 9.58 6.17 -5.81
N9 GAO A 9 9.78 4.91 -5.05
C8 GAO A 9 9.81 3.62 -5.48
N7 GAO A 9 10.07 2.75 -4.53
C5 GAO A 9 10.18 3.53 -3.38
C6 GAO A 9 10.39 3.19 -2.00
O6 GAO A 9 10.54 2.10 -1.44
N1 GAO A 9 10.41 4.29 -1.16
C2 GAO A 9 10.23 5.57 -1.58
N2 GAO A 9 10.29 6.51 -0.68
N3 GAO A 9 10.01 5.92 -2.84
C4 GAO A 9 9.99 4.86 -3.69
H5' GAO A 9 6.92 6.11 -8.60
H5'' GAO A 9 7.75 7.33 -9.57
H4' GAO A 9 7.83 8.05 -7.38
H3' GAO A 9 10.27 7.62 -8.67
H2' GAO A 9 11.55 6.78 -6.42
HO2' GAO A 9 10.14 5.24 -8.36
H1' GAO A 9 9.68 6.92 -5.04
H8 GAO A 9 9.62 3.37 -6.51
H1 GAO A 9 10.50 4.11 -0.17
H21 GAO A 9 10.16 7.44 -1.05
H22 GAO A 9 10.50 6.34 0.31
P GAO A 10 11.44 9.66 -7.03
OP1 GAO A 10 11.11 11.10 -7.18
OP2 GAO A 10 12.37 9.01 -7.97
O5' GAO A 10 11.99 9.43 -5.53
C5' GAO A 10 11.45 10.19 -4.46
C4' GAO A 10 12.18 9.96 -3.14
O4' GAO A 10 11.99 8.62 -2.71
C3' GAO A 10 13.70 10.18 -3.22
O3' GAO A 10 14.07 11.48 -2.75
C2' GAO A 10 14.30 9.09 -2.33
O2' GAO A 10 15.33 8.40 -3.03
C1' GAO A 10 13.09 8.24 -1.92
N9 GAO A 10 13.31 6.79 -2.10
C8 GAO A 10 13.20 6.09 -3.26
N7 GAO A 10 13.37 4.80 -3.12
C5 GAO A 10 13.57 4.64 -1.75
C6 GAO A 10 13.70 3.47 -0.92
O6 GAO A 10 13.73 2.27 -1.22
N1 GAO A 10 13.77 3.76 0.43
C2 GAO A 10 13.79 5.01 0.94
N2 GAO A 10 13.93 5.12 2.25
N3 GAO A 10 13.71 6.13 0.22
C4 GAO A 10 13.56 5.87 -1.12
H5' GAO A 10 10.39 9.96 -4.34
H5'' GAO A 10 11.56 11.26 -4.71
H4' GAO A 10 11.76 10.62 -2.38
H3' GAO A 10 14.03 10.02 -4.24
HO3' GAO A 10 14.32 12.03 -3.49
H2' GAO A 10 14.72 9.55 -1.43
HO2' GAO A 10 15.89 7.90 -2.43
H1' GAO A 10 12.88 8.38 -0.88
H8 GAO A 10 12.96 6.66 -4.15
H1 GAO A 10 13.73 2.97 1.08
H21 GAO A 10 13.95 6.06 2.59
H22 GAO A 10 13.97 4.31 2.87
O5' GAO A 1 -14.67 7.01 6.44
C5' GAO A 1 -15.47 6.63 7.58
C4' GAO A 1 -15.15 5.22 8.10
O4' GAO A 1 -15.48 4.26 7.12
C3' GAO A 1 -13.67 5.06 8.46
O3' GAO A 1 -13.54 4.51 9.77
C2' GAO A 1 -13.13 4.18 7.32
O2' GAO A 1 -12.59 4.98 6.30
C1' GAO A 1 -14.39 3.37 6.97
N9 GAO A 1 -14.41 2.75 5.62
C8 GAO A 1 -14.20 3.35 4.42
N7 GAO A 1 -14.37 2.58 3.38
C5 GAO A 1 -14.68 1.34 3.95
C6 GAO A 1 -14.91 0.06 3.35
O6 GAO A 1 -14.99 -0.25 2.16
N1 GAO A 1 -15.02 -0.96 4.29
C2 GAO A 1 -14.97 -0.77 5.63
N2 GAO A 1 -14.97 -1.83 6.40
N3 GAO A 1 -14.82 0.42 6.22
C4 GAO A 1 -14.66 1.44 5.32
H5' GAO A 1 -16.53 6.66 7.31
H5'' GAO A 1 -15.30 7.35 8.38
H4' GAO A 1 -15.74 5.03 8.99
H3' GAO A 1 -13.17 6.03 8.44
H2' GAO A 1 -12.36 3.49 7.67
HO2' GAO A 1 -13.10 5.80 6.24
H1' GAO A 1 -14.47 2.55 7.69
H8 GAO A 1 -13.89 4.38 4.39
H1 GAO A 1 -15.05 -1.90 3.91
H21 GAO A 1 -14.83 -1.64 7.36
H22 GAO A 1 -14.91 -2.77 5.99
HO5' GAO A 1 -15.10 7.76 6.00
P CAR A 2 -12.12 4.49 10.53
OP1 CAR A 2 -12.36 4.54 11.99
OP2 CAR A 2 -11.23 5.49 9.88
O5' CAR A 2 -11.64 3.01 10.12
C5' CAR A 2 -12.25 1.88 10.71
C4' CAR A 2 -11.82 0.58 10.03
O4' CAR A 2 -12.24 0.57 8.68
C3' CAR A 2 -10.31 0.35 10.02
O3' CAR A 2 -9.94 -0.63 10.98
C2' CAR A 2 -9.97 -0.07 8.59
O2' CAR A 2 -9.13 0.89 7.95
C1' CAR A 2 -11.36 -0.28 7.98
N1 CAR A 2 -11.41 0.00 6.52
C2 CAR A 2 -11.57 -1.05 5.63
O2 CAR A 2 -11.67 -2.21 6.03
N3 CAR A 2 -11.59 -0.81 4.29
C4 CAR A 2 -11.49 0.42 3.84
N4 CAR A 2 -11.54 0.58 2.55
C5 CAR A 2 -11.39 1.55 4.73
C6 CAR A 2 -11.35 1.28 6.05
H5' CAR A 2 -13.33 1.95 10.65
H5'' CAR A 2 -11.97 1.84 11.77
H4' CAR A 2 -12.28 -0.26 10.54
H3' CAR A 2 -9.80 1.29 10.24
H2' CAR A 2 -9.47 -1.03 8.57
HO2' CAR A 2 -8.40 1.10 8.56
H1' CAR A 2 -11.64 -1.32 8.15
HN41 CAR A 2 -11.51 1.49 2.14
HN42 CAR A 2 -11.63 -0.27 1.98
H5 CAR A 2 -11.37 2.59 4.45
H6 CAR A 2 -11.25 2.11 6.74
P UAR A 3 -8.40 -0.92 11.34
OP1 UAR A 3 -8.35 -1.58 12.67
OP2 UAR A 3 -7.64 0.32 11.09
O5' UAR A 3 -7.98 -2.01 10.23
C5' UAR A 3 -8.47 -3.34 10.29
C4' UAR A 3 -7.88 -4.22 9.18
O4' UAR A 3 -8.39 -3.84 7.91
C3' UAR A 3 -6.35 -4.19 9.09
O3' UAR A 3 -5.83 -5.49 9.35
C2' UAR A 3 -6.04 -3.68 7.68
O2' UAR A 3 -5.59 -2.34 7.68
C1' UAR A 3 -7.36 -3.96 6.95
N1 UAR A 3 -7.62 -3.06 5.80
C2 UAR A 3 -7.57 -3.58 4.50
O2 UAR A 3 -7.33 -4.76 4.25
N3 UAR A 3 -7.83 -2.70 3.47
C4 UAR A 3 -8.17 -1.37 3.62
O4 UAR A 3 -8.38 -0.68 2.62
C5 UAR A 3 -8.25 -0.92 4.98
C6 UAR A 3 -7.98 -1.75 6.02
H5' UAR A 3 -9.55 -3.33 10.21
H5'' UAR A 3 -8.20 -3.77 11.26
H4' UAR A 3 -8.19 -5.25 9.37
H3' UAR A 3 -5.95 -3.49 9.83
H2' UAR A 3 -5.27 -4.30 7.20
HO2' UAR A 3 -4.86 -2.24 8.30
H1' UAR A 3 -7.32 -4.99 6.58
H3 UAR A 3 -7.79 -3.07 2.53
H5 UAR A 3 -8.52 0.11 5.19
H6 UAR A 3 -8.00 -1.41 7.04
P A5O A 4 -4.25 -5.75 9.55
N1 A5O A 4 -4.73 -2.75 0.11
C2 A5O A 4 -4.47 -4.04 0.30
N3 A5O A 4 -4.23 -4.66 1.46
C4 A5O A 4 -4.29 -3.81 2.51
C5 A5O A 4 -4.55 -2.46 2.48
C6 A5O A 4 -4.78 -1.95 1.18
N6 A5O A 4 -5.06 -0.69 0.94
N7 A5O A 4 -4.54 -1.90 3.76
C8 A5O A 4 -4.22 -2.92 4.51
N9 A5O A 4 -4.04 -4.10 3.84
C1' A5O A 4 -3.55 -5.41 4.32
C2' A5O A 4 -2.28 -5.38 5.18
O2' A5O A 4 -2.34 -4.43 6.25
C3' A5O A 4 -2.31 -6.82 5.67
O3' A5O A 4 -1.82 -7.73 4.70
C4' A5O A 4 -3.81 -7.08 5.85
O4' A5O A 4 -4.51 -6.06 5.14
C5' A5O A 4 -4.25 -7.11 7.31
O5' A5O A 4 -3.79 -5.96 8.02
OP1 A5O A 4 -4.06 -7.01 10.29
OP2 A5O A 4 -3.63 -4.48 10.01
H2 A5O A 4 -4.49 -4.65 -0.59
H8 A5O A 4 -4.11 -2.83 5.58
HN6 A5O A 4 -5.29 -0.41 -0.02
HN6A A5O A 4 -5.13 -0.06 1.72
H5' A5O A 4 -5.34 -7.16 7.36
H1' A5O A 4 -3.32 -6.00 3.44
H2' A5O A 4 -1.42 -5.17 4.56
H3' A5O A 4 -1.75 -6.93 6.61
H4' A5O A 4 -4.06 -8.05 5.41
H5'A A5O A 4 -3.85 -8.01 7.80
HO2' A5O A 4 -2.83 -4.84 6.99
P UAR A 5 -0.26 -7.98 4.42
OP1 UAR A 5 0.11 -9.32 4.92
OP2 UAR A 5 0.51 -6.78 4.79
O5' UAR A 5 -0.30 -8.03 2.80
C5' UAR A 5 -1.12 -9.00 2.15
C4' UAR A 5 -1.28 -8.72 0.66
O4' UAR A 5 -1.85 -7.44 0.46
C3' UAR A 5 0.05 -8.75 -0.10
O3' UAR A 5 -0.13 -9.37 -1.36
C2' UAR A 5 0.43 -7.27 -0.20
O2' UAR A 5 1.21 -6.84 0.90
C1' UAR A 5 -0.96 -6.62 -0.28
N1 UAR A 5 -1.06 -5.19 0.16
C2 UAR A 5 -1.38 -4.25 -0.81
O2 UAR A 5 -1.58 -4.50 -1.99
N3 UAR A 5 -1.50 -2.94 -0.39
C4 UAR A 5 -1.36 -2.49 0.90
O4 UAR A 5 -1.55 -1.29 1.15
C5 UAR A 5 -1.03 -3.52 1.86
C6 UAR A 5 -0.89 -4.82 1.48
H5' UAR A 5 -2.11 -9.00 2.60
H5'' UAR A 5 -0.68 -9.99 2.31
H4' UAR A 5 -1.95 -9.48 0.23
H3' UAR A 5 0.81 -9.30 0.47
H2' UAR A 5 0.96 -7.11 -1.12
HO2' UAR A 5 0.83 -7.21 1.72
H1' UAR A 5 -1.24 -6.65 -1.34
H3 UAR A 5 -1.75 -2.26 -1.09
H5 UAR A 5 -0.91 -3.24 2.89
H6 UAR A 5 -0.66 -5.58 2.21
P A5O A 6 1.13 -9.74 -2.32
N1 A5O A 6 1.07 -0.08 -2.91
C2 A5O A 6 1.10 -0.65 -4.11
N3 A5O A 6 1.26 -1.94 -4.39
C4 A5O A 6 1.44 -2.68 -3.27
C5 A5O A 6 1.46 -2.23 -1.98
C6 A5O A 6 1.25 -0.85 -1.84
N6 A5O A 6 1.17 -0.23 -0.67
N7 A5O A 6 1.69 -3.30 -1.09
C8 A5O A 6 1.77 -4.33 -1.89
N9 A5O A 6 1.61 -4.04 -3.23
C1' A5O A 6 1.48 -4.93 -4.39
C2' A5O A 6 2.66 -5.86 -4.67
O2' A5O A 6 3.17 -6.50 -3.50
C3' A5O A 6 1.97 -6.85 -5.60
O3' A5O A 6 1.93 -6.38 -6.95
C4' A5O A 6 0.54 -6.92 -5.06
O4' A5O A 6 0.36 -5.78 -4.21
C5' A5O A 6 0.27 -8.21 -4.28
O5' A5O A 6 1.23 -8.42 -3.24
OP1 A5O A 6 0.73 -10.88 -3.18
OP2 A5O A 6 2.34 -9.81 -1.49
H2 A5O A 6 1.02 -0.02 -4.98
H8 A5O A 6 1.90 -5.33 -1.53
HN6 A5O A 6 0.95 0.77 -0.64
HN6A A5O A 6 1.26 -0.78 0.18
H5' A5O A 6 -0.73 -8.16 -3.84
H1' A5O A 6 1.35 -4.31 -5.29
H2' A5O A 6 3.46 -5.30 -5.16
H3' A5O A 6 2.44 -7.83 -5.56
H4' A5O A 6 -0.17 -6.85 -5.90
H5'A A5O A 6 0.31 -9.05 -4.97
HO2' A5O A 6 2.57 -7.23 -3.27
P A5O A 7 3.03 -6.84 -8.01
N1 A5O A 7 3.85 1.60 -2.94
C2 A5O A 7 3.53 1.67 -4.22
N3 A5O A 7 3.59 0.71 -5.14
C4 A5O A 7 4.10 -0.44 -4.63
C5 A5O A 7 4.49 -0.68 -3.33
C6 A5O A 7 4.31 0.43 -2.47
N6 A5O A 7 4.58 0.44 -1.18
N7 A5O A 7 5.00 -1.97 -3.20
C8 A5O A 7 4.90 -2.46 -4.41
N9 A5O A 7 4.37 -1.60 -5.32
C1' A5O A 7 4.07 -1.88 -6.74
C2' A5O A 7 5.25 -1.71 -7.68
O2' A5O A 7 6.50 -2.13 -7.16
C3' A5O A 7 4.79 -2.58 -8.85
O3' A5O A 7 4.00 -1.88 -9.80
C4' A5O A 7 3.98 -3.69 -8.17
O4' A5O A 7 3.58 -3.19 -6.90
C5' A5O A 7 4.89 -4.94 -8.08
O5' A5O A 7 4.33 -6.08 -7.44
OP1 A5O A 7 2.68 -6.27 -9.33
OP2 A5O A 7 3.24 -8.30 -7.87
H2 A5O A 7 3.19 2.65 -4.54
H8 A5O A 7 5.23 -3.44 -4.73
HN6 A5O A 7 4.29 1.26 -0.66
HN6A A5O A 7 4.96 -0.39 -0.76
H5' A5O A 7 5.17 -5.23 -9.10
H1' A5O A 7 3.37 -1.11 -7.06
H2' A5O A 7 5.26 -0.67 -7.95
H3' A5O A 7 5.65 -3.00 -9.37
H4' A5O A 7 3.09 -3.90 -8.77
H5'A A5O A 7 5.80 -4.68 -7.55
HO2' A5O A 7 7.19 -1.93 -7.81
P UAR A 8 4.70 -1.04 -10.99
OP1 UAR A 8 3.68 -0.69 -12.01
OP2 UAR A 8 5.95 -1.74 -11.38
O5' UAR A 8 5.10 0.29 -10.19
C5' UAR A 8 4.12 1.27 -9.90
C4' UAR A 8 4.66 2.37 -8.98
O4' UAR A 8 4.83 1.91 -7.65
C3' UAR A 8 6.02 2.94 -9.43
O3' UAR A 8 5.86 4.27 -9.89
C2' UAR A 8 6.90 2.82 -8.17
O2' UAR A 8 7.81 1.74 -8.26
C1' UAR A 8 5.83 2.71 -7.07
N1 UAR A 8 6.35 2.16 -5.79
C2 UAR A 8 6.49 3.02 -4.70
O2 UAR A 8 6.21 4.22 -4.73
N3 UAR A 8 6.96 2.47 -3.54
C4 UAR A 8 7.35 1.17 -3.34
O4 UAR A 8 7.72 0.81 -2.23
C5 UAR A 8 7.21 0.33 -4.52
C6 UAR A 8 6.69 0.84 -5.67
H5' UAR A 8 3.27 0.80 -9.40
H5'' UAR A 8 3.78 1.71 -10.83
H4' UAR A 8 3.94 3.19 -8.95
H3' UAR A 8 6.43 2.33 -10.23
H2' UAR A 8 7.45 3.74 -7.99
HO2' UAR A 8 8.23 1.75 -9.14
H1' UAR A 8 5.44 3.71 -6.88
H3 UAR A 8 7.06 3.10 -2.76
H5 UAR A 8 7.46 -0.70 -4.44
H6 UAR A 8 6.49 0.22 -6.52
P GAO A 9 7.09 5.06 -10.58
OP1 GAO A 9 6.54 6.13 -11.44
OP2 GAO A 9 8.03 4.05 -11.12
O5' GAO A 9 7.77 5.73 -9.29
C5' GAO A 9 7.10 6.79 -8.63
C4' GAO A 9 7.84 7.33 -7.42
O4' GAO A 9 7.83 6.38 -6.35
C3' GAO A 9 9.32 7.66 -7.71
O3' GAO A 9 9.64 8.92 -7.14
C2' GAO A 9 10.06 6.48 -7.08
O2' GAO A 9 10.12 5.36 -7.95
C1' GAO A 9 9.17 6.24 -5.86
N9 GAO A 9 9.44 5.00 -5.10
C8 GAO A 9 9.50 3.70 -5.50
N7 GAO A 9 9.86 2.86 -4.57
C5 GAO A 9 10.07 3.66 -3.44
C6 GAO A 9 10.44 3.37 -2.08
O6 GAO A 9 10.68 2.29 -1.53
N1 GAO A 9 10.52 4.50 -1.28
C2 GAO A 9 10.28 5.76 -1.73
N2 GAO A 9 10.43 6.75 -0.88
N3 GAO A 9 9.92 6.07 -2.96
C4 GAO A 9 9.82 4.98 -3.78
H5' GAO A 9 6.11 6.46 -8.32
H5'' GAO A 9 6.96 7.61 -9.35
H4' GAO A 9 7.32 8.26 -7.13
H3' GAO A 9 9.50 7.69 -8.79
H2' GAO A 9 11.06 6.77 -6.75
HO2' GAO A 9 9.31 5.35 -8.51
H1' GAO A 9 9.39 7.00 -5.11
H8 GAO A 9 9.24 3.42 -6.51
H1 GAO A 9 10.73 4.37 -0.30
H21 GAO A 9 10.28 7.65 -1.28
H22 GAO A 9 10.74 6.59 0.08
P GAO A 10 11.08 9.63 -7.37
OP1 GAO A 10 10.85 11.06 -7.70
OP2 GAO A 10 11.90 8.79 -8.26
O5' GAO A 10 11.69 9.56 -5.88
C5' GAO A 10 11.20 10.43 -4.87
C4' GAO A 10 11.99 10.32 -3.56
O4' GAO A 10 11.85 9.02 -3.02
C3' GAO A 10 13.50 10.56 -3.76
O3' GAO A 10 13.88 11.90 -3.39
C2' GAO A 10 14.20 9.52 -2.89
O2' GAO A 10 15.22 8.80 -3.60
C1' GAO A 10 13.04 8.65 -2.37
N9 GAO A 10 13.25 7.20 -2.57
C8 GAO A 10 13.05 6.50 -3.71
N7 GAO A 10 13.30 5.22 -3.61
C5 GAO A 10 13.68 5.07 -2.26
C6 GAO A 10 14.04 3.92 -1.49
O6 GAO A 10 14.16 2.74 -1.83
N1 GAO A 10 14.31 4.22 -0.16
C2 GAO A 10 14.26 5.47 0.37
N2 GAO A 10 14.57 5.61 1.64
N3 GAO A 10 13.95 6.56 -0.32
C4 GAO A 10 13.64 6.30 -1.63
H5' GAO A 10 10.15 10.21 -4.67
H5'' GAO A 10 11.27 11.46 -5.23
H4' GAO A 10 11.60 11.03 -2.84
H3' GAO A 10 13.75 10.37 -4.79
HO3' GAO A 10 14.83 12.01 -3.46
H2' GAO A 10 14.65 10.01 -2.02
HO2' GAO A 10 15.81 9.39 -4.07
H1' GAO A 10 12.93 8.78 -1.31
H8 GAO A 10 12.70 7.04 -4.57
H1 GAO A 10 14.48 3.47 0.49
H21 GAO A 10 14.52 6.54 1.98
H22 GAO A 10 14.80 4.80 2.25
O5' GAO A 1 -15.42 7.30 5.20
C5' GAO A 1 -15.95 6.78 6.42
C4' GAO A 1 -15.34 5.48 6.95
O4' GAO A 1 -15.65 4.42 6.07
C3' GAO A 1 -13.83 5.54 7.17
O3' GAO A 1 -13.53 5.23 8.53
C2' GAO A 1 -13.29 4.51 6.18
O2' GAO A 1 -12.82 5.11 5.00
C1' GAO A 1 -14.50 3.58 6.04
N9 GAO A 1 -14.55 2.81 4.79
C8 GAO A 1 -14.49 3.28 3.52
N7 GAO A 1 -14.73 2.40 2.60
C5 GAO A 1 -14.94 1.23 3.33
C6 GAO A 1 -15.22 -0.10 2.90
O6 GAO A 1 -15.44 -0.51 1.76
N1 GAO A 1 -15.19 -1.02 3.92
C2 GAO A 1 -15.02 -0.70 5.24
N2 GAO A 1 -14.91 -1.71 6.07
N3 GAO A 1 -14.85 0.54 5.70
C4 GAO A 1 -14.79 1.46 4.68
H5' GAO A 1 -17.02 6.61 6.29
H5'' GAO A 1 -15.75 7.54 7.18
H4' GAO A 1 -15.81 5.28 7.92
H3' GAO A 1 -13.45 6.54 6.94
H2' GAO A 1 -12.50 3.92 6.61
HO2' GAO A 1 -11.93 5.45 5.19
H1' GAO A 1 -14.49 2.89 6.87
H8 GAO A 1 -14.22 4.30 3.33
H1 GAO A 1 -15.14 -1.99 3.64
H21 GAO A 1 -14.72 -1.48 7.02
H22 GAO A 1 -14.85 -2.67 5.70
HO5' GAO A 1 -14.99 6.58 4.73
P CAR A 2 -12.05 5.40 9.15
OP1 CAR A 2 -12.20 5.75 10.58
OP2 CAR A 2 -11.25 6.24 8.24
O5' CAR A 2 -11.50 3.90 9.04
C5' CAR A 2 -12.07 2.86 9.82
C4' CAR A 2 -11.70 1.50 9.25
O4' CAR A 2 -12.16 1.38 7.92
C3' CAR A 2 -10.19 1.21 9.24
O3' CAR A 2 -9.89 0.31 10.29
C2' CAR A 2 -9.95 0.60 7.87
O2' CAR A 2 -9.16 1.46 7.05
C1' CAR A 2 -11.36 0.39 7.34
N1 CAR A 2 -11.44 0.46 5.87
C2 CAR A 2 -11.52 -0.72 5.13
O2 CAR A 2 -11.48 -1.82 5.68
N3 CAR A 2 -11.65 -0.68 3.78
C4 CAR A 2 -11.65 0.50 3.18
N4 CAR A 2 -11.78 0.47 1.88
C5 CAR A 2 -11.55 1.74 3.88
C6 CAR A 2 -11.41 1.66 5.22
H5' CAR A 2 -13.15 2.94 9.79
H5'' CAR A 2 -11.71 2.92 10.84
H4' CAR A 2 -12.17 0.72 9.84
H3' CAR A 2 -9.64 2.15 9.35
H2' CAR A 2 -9.47 -0.37 7.98
HO2' CAR A 2 -8.47 1.84 7.59
H1' CAR A 2 -11.69 -0.59 7.67
HN41 CAR A 2 -11.82 1.32 1.35
HN42 CAR A 2 -11.78 -0.45 1.43
H5 CAR A 2 -11.59 2.73 3.45
H6 CAR A 2 -11.29 2.57 5.80
P UAR A 3 -8.38 0.08 10.81
OP1 UAR A 3 -8.45 -0.46 12.18
OP2 UAR A 3 -7.60 1.31 10.52
O5' UAR A 3 -7.85 -1.07 9.83
C5' UAR A 3 -8.31 -2.39 10.02
C4' UAR A 3 -7.67 -3.38 9.06
O4' UAR A 3 -8.16 -3.19 7.76
C3' UAR A 3 -6.14 -3.26 9.03
O3' UAR A 3 -5.56 -4.51 9.39
C2' UAR A 3 -5.83 -2.88 7.58
O2' UAR A 3 -5.52 -1.52 7.39
C1' UAR A 3 -7.09 -3.36 6.86
N1 UAR A 3 -7.41 -2.62 5.62
C2 UAR A 3 -7.39 -3.28 4.39
O2 UAR A 3 -7.11 -4.47 4.28
N3 UAR A 3 -7.75 -2.54 3.28
C4 UAR A 3 -8.16 -1.22 3.29
O4 UAR A 3 -8.44 -0.66 2.24
C5 UAR A 3 -8.20 -0.62 4.60
C6 UAR A 3 -7.83 -1.32 5.70
H5' UAR A 3 -9.40 -2.41 9.87
H5'' UAR A 3 -8.09 -2.70 11.04
H4' UAR A 3 -7.93 -4.39 9.39
H3' UAR A 3 -5.80 -2.49 9.73
H2' UAR A 3 -4.99 -3.48 7.23
HO2' UAR A 3 -5.52 -1.08 8.24
H1' UAR A 3 -6.93 -4.42 6.64
H3 UAR A 3 -7.73 -3.02 2.38
H5 UAR A 3 -8.52 0.41 4.70
H6 UAR A 3 -7.85 -0.85 6.68
P A5O A 4 -3.99 -4.67 9.67
N1 A5O A 4 -4.70 -2.77 0.15
C2 A5O A 4 -4.35 -4.02 0.41
N3 A5O A 4 -4.03 -4.56 1.59
C4 A5O A 4 -4.09 -3.65 2.60
C5 A5O A 4 -4.45 -2.33 2.50
C6 A5O A 4 -4.77 -1.92 1.18
N6 A5O A 4 -5.15 -0.70 0.87
N7 A5O A 4 -4.39 -1.69 3.74
C8 A5O A 4 -3.99 -2.64 4.53
N9 A5O A 4 -3.76 -3.84 3.91
C1' A5O A 4 -3.26 -5.10 4.49
C2' A5O A 4 -1.93 -4.98 5.23
O2' A5O A 4 -1.83 -3.87 6.10
C3' A5O A 4 -1.97 -6.30 5.97
O3' A5O A 4 -1.54 -7.37 5.14
C4' A5O A 4 -3.46 -6.51 6.22
O4' A5O A 4 -4.18 -5.57 5.46
C5' A5O A 4 -3.82 -6.37 7.69
O5' A5O A 4 -3.43 -5.11 8.23
OP1 A5O A 4 -3.80 -5.78 10.62
OP2 A5O A 4 -3.43 -3.33 9.95
H2 A5O A 4 -4.34 -4.68 -0.44
H8 A5O A 4 -3.82 -2.51 5.59
HN6 A5O A 4 -5.38 -0.51 -0.11
HN6A A5O A 4 -5.24 0.00 1.59
H5' A5O A 4 -4.90 -6.46 7.75
H1' A5O A 4 -3.15 -5.82 3.68
H2' A5O A 4 -1.11 -4.98 4.52
H3' A5O A 4 -1.40 -6.26 6.90
H4' A5O A 4 -3.75 -7.50 5.89
H5'A A5O A 4 -3.35 -7.17 8.24
HO2' A5O A 4 -2.11 -4.15 6.98
P UAR A 5 0.00 -7.67 4.79
OP1 UAR A 5 0.29 -9.05 5.26
OP2 UAR A 5 0.85 -6.53 5.21
O5' UAR A 5 -0.04 -7.67 3.19
C5' UAR A 5 -0.88 -8.62 2.55
C4' UAR A 5 -0.95 -8.43 1.05
O4' UAR A 5 -1.55 -7.18 0.76
C3' UAR A 5 0.42 -8.48 0.38
O3' UAR A 5 0.33 -9.25 -0.81
C2' UAR A 5 0.74 -7.02 0.10
O2' UAR A 5 1.55 -6.44 1.12
C1' UAR A 5 -0.67 -6.42 -0.05
N1 UAR A 5 -0.81 -4.99 0.30
C2 UAR A 5 -1.15 -4.08 -0.70
O2 UAR A 5 -1.28 -4.39 -1.88
N3 UAR A 5 -1.37 -2.78 -0.32
C4 UAR A 5 -1.30 -2.29 0.96
O4 UAR A 5 -1.54 -1.10 1.18
C5 UAR A 5 -0.97 -3.28 1.96
C6 UAR A 5 -0.77 -4.58 1.61
H5' UAR A 5 -1.89 -8.52 2.94
H5'' UAR A 5 -0.52 -9.63 2.76
H4' UAR A 5 -1.58 -9.22 0.63
H3' UAR A 5 1.17 -8.93 1.05
H2' UAR A 5 1.24 -6.93 -0.85
HO2' UAR A 5 1.25 -6.76 1.98
H1' UAR A 5 -0.93 -6.53 -1.10
H3 UAR A 5 -1.62 -2.14 -1.06
H5 UAR A 5 -0.95 -2.98 3.00
H6 UAR A 5 -0.59 -5.34 2.37
P A5O A 6 1.63 -9.60 -1.69
N1 A5O A 6 1.05 -0.02 -2.72
C2 A5O A 6 1.08 -0.60 -3.92
N3 A5O A 6 1.26 -1.87 -4.20
C4 A5O A 6 1.52 -2.61 -3.09
C5 A5O A 6 1.58 -2.17 -1.80
C6 A5O A 6 1.29 -0.80 -1.66
N6 A5O A 6 1.27 -0.15 -0.51
N7 A5O A 6 1.92 -3.19 -0.92
C8 A5O A 6 2.03 -4.22 -1.72
N9 A5O A 6 1.79 -3.96 -3.04
C1' A5O A 6 1.69 -4.92 -4.15
C2' A5O A 6 2.95 -5.74 -4.43
O2' A5O A 6 3.64 -6.18 -3.27
C3' A5O A 6 2.33 -6.94 -5.16
O3' A5O A 6 2.24 -6.74 -6.55
C4' A5O A 6 0.92 -7.02 -4.59
O4' A5O A 6 0.69 -5.86 -3.81
C5' A5O A 6 0.70 -8.27 -3.75
O5' A5O A 6 1.69 -8.39 -2.74
OP1 A5O A 6 1.35 -10.85 -2.41
OP2 A5O A 6 2.83 -9.47 -0.82
H2 A5O A 6 0.99 0.06 -4.78
H8 A5O A 6 2.25 -5.22 -1.39
HN6 A5O A 6 1.00 0.82 -0.50
HN6A A5O A 6 1.50 -0.65 0.33
H5' A5O A 6 -0.29 -8.20 -3.28
H1' A5O A 6 1.44 -4.35 -5.05
H2' A5O A 6 3.63 -5.20 -5.09
H3' A5O A 6 2.89 -7.86 -4.96
H4' A5O A 6 0.20 -7.03 -5.42
H5'A A5O A 6 0.73 -9.14 -4.40
HO2' A5O A 6 3.25 -7.01 -2.96
P A5O A 7 3.54 -6.65 -7.50
N1 A5O A 7 3.82 1.72 -2.69
C2 A5O A 7 3.43 1.92 -3.93
N3 A5O A 7 3.45 1.06 -4.95
C4 A5O A 7 3.98 -0.13 -4.59
C5 A5O A 7 4.43 -0.50 -3.35
C6 A5O A 7 4.31 0.51 -2.37
N6 A5O A 7 4.63 0.41 -1.09
N7 A5O A 7 4.91 -1.82 -3.36
C8 A5O A 7 4.71 -2.19 -4.60
N9 A5O A 7 4.14 -1.24 -5.40
C1' A5O A 7 3.66 -1.35 -6.78
C2' A5O A 7 4.74 -1.54 -7.83
O2' A5O A 7 5.92 -2.18 -7.36
C3' A5O A 7 4.04 -2.33 -8.94
O3' A5O A 7 3.66 -1.54 -10.06
C4' A5O A 7 2.76 -2.85 -8.26
O4' A5O A 7 2.79 -2.46 -6.90
C5' A5O A 7 2.58 -4.35 -8.37
O5' A5O A 7 3.65 -5.06 -7.75
OP1 A5O A 7 3.19 -7.32 -8.78
OP2 A5O A 7 4.72 -7.08 -6.72
H2 A5O A 7 3.06 2.91 -4.16
H8 A5O A 7 4.97 -3.15 -5.01
HN6 A5O A 7 4.44 1.23 -0.53
HN6A A5O A 7 4.94 -0.48 -0.72
H5' A5O A 7 1.65 -4.61 -7.87
H1' A5O A 7 3.17 -0.41 -7.03
H2' A5O A 7 4.96 -0.53 -8.13
H3' A5O A 7 4.67 -3.17 -9.26
H4' A5O A 7 1.91 -2.35 -8.72
H5'A A5O A 7 2.51 -4.66 -9.42
HO2' A5O A 7 6.63 -1.99 -7.98
P UAR A 8 4.72 -0.82 -11.04
OP1 UAR A 8 4.02 -0.51 -12.30
OP2 UAR A 8 5.98 -1.59 -11.03
O5' UAR A 8 4.98 0.56 -10.23
C5' UAR A 8 3.92 1.47 -9.98
C4' UAR A 8 4.34 2.58 -9.02
O4' UAR A 8 4.52 2.08 -7.71
C3' UAR A 8 5.64 3.29 -9.45
O3' UAR A 8 5.35 4.63 -9.79
C2' UAR A 8 6.53 3.18 -8.21
O2' UAR A 8 7.50 2.17 -8.39
C1' UAR A 8 5.49 2.94 -7.12
N1 UAR A 8 6.11 2.34 -5.91
C2 UAR A 8 6.23 3.14 -4.78
O2 UAR A 8 5.84 4.30 -4.72
N3 UAR A 8 6.83 2.55 -3.68
C4 UAR A 8 7.32 1.27 -3.61
O4 UAR A 8 7.77 0.86 -2.54
C5 UAR A 8 7.15 0.50 -4.82
C6 UAR A 8 6.54 1.03 -5.91
H5' UAR A 8 3.08 0.95 -9.52
H5'' UAR A 8 3.59 1.91 -10.92
H4' UAR A 8 3.54 3.31 -8.98
H3' UAR A 8 6.10 2.77 -10.28
H2' UAR A 8 7.01 4.11 -7.98
HO2' UAR A 8 8.02 2.37 -9.17
H1' UAR A 8 5.05 3.90 -6.85
H3 UAR A 8 6.88 3.10 -2.84
H5 UAR A 8 7.47 -0.53 -4.83
H6 UAR A 8 6.33 0.45 -6.79
P GAO A 9 6.43 5.61 -10.50
OP1 GAO A 9 5.66 6.67 -11.20
OP2 GAO A 9 7.40 4.78 -11.24
O5' GAO A 9 7.20 6.25 -9.25
C5' GAO A 9 6.55 7.20 -8.44
C4' GAO A 9 7.35 7.62 -7.20
O4' GAO A 9 7.42 6.57 -6.25
C3' GAO A 9 8.79 8.06 -7.51
O3' GAO A 9 9.05 9.29 -6.82
C2' GAO A 9 9.66 6.92 -6.95
O2' GAO A 9 9.99 5.89 -7.87
C1' GAO A 9 8.76 6.48 -5.79
N9 GAO A 9 9.10 5.20 -5.16
C8 GAO A 9 9.19 3.95 -5.71
N7 GAO A 9 9.66 3.04 -4.88
C5 GAO A 9 9.86 3.75 -3.70
C6 GAO A 9 10.32 3.32 -2.40
O6 GAO A 9 10.64 2.21 -1.99
N1 GAO A 9 10.40 4.36 -1.49
C2 GAO A 9 10.10 5.66 -1.78
N2 GAO A 9 10.27 6.57 -0.84
N3 GAO A 9 9.63 6.09 -2.96
C4 GAO A 9 9.53 5.07 -3.87
H5' GAO A 9 5.62 6.79 -8.08
H5'' GAO A 9 6.34 8.10 -9.03
H4' GAO A 9 6.77 8.48 -6.81
H3' GAO A 9 8.95 8.20 -8.58
H2' GAO A 9 10.61 7.29 -6.57
HO2' GAO A 9 9.20 5.64 -8.38
H1' GAO A 9 8.94 7.18 -4.97
H8 GAO A 9 8.90 3.75 -6.72
H1 GAO A 9 10.68 4.13 -0.55
H21 GAO A 9 10.04 7.51 -1.13
H22 GAO A 9 10.66 6.34 0.07
P GAO A 10 10.42 10.12 -7.04
OP1 GAO A 10 10.04 11.55 -7.15
OP2 GAO A 10 11.22 9.48 -8.09
O5' GAO A 10 11.18 9.90 -5.63
C5' GAO A 10 10.70 10.53 -4.46
C4' GAO A 10 11.61 10.33 -3.24
O4' GAO A 10 11.53 8.99 -2.81
C3' GAO A 10 13.08 10.66 -3.49
O3' GAO A 10 13.40 11.97 -3.00
C2' GAO A 10 13.88 9.58 -2.74
O2' GAO A 10 14.85 8.89 -3.51
C1' GAO A 10 12.78 8.65 -2.24
N9 GAO A 10 13.03 7.24 -2.55
C8 GAO A 10 12.77 6.61 -3.73
N7 GAO A 10 13.05 5.33 -3.73
C5 GAO A 10 13.48 5.10 -2.42
C6 GAO A 10 13.83 3.89 -1.73
O6 GAO A 10 13.89 2.74 -2.14
N1 GAO A 10 14.09 4.09 -0.38
C2 GAO A 10 14.12 5.31 0.22
N2 GAO A 10 14.55 5.38 1.46
N3 GAO A 10 13.84 6.46 -0.39
C4 GAO A 10 13.49 6.28 -1.70
H5' GAO A 10 9.72 10.12 -4.21
H5'' GAO A 10 10.62 11.60 -4.64
H4' GAO A 10 11.23 10.96 -2.44
H3' GAO A 10 13.30 10.58 -4.55
HO3' GAO A 10 13.25 12.01 -2.05
H2' GAO A 10 14.36 10.03 -1.87
HO2' GAO A 10 15.15 9.44 -4.24
H1' GAO A 10 12.73 8.72 -1.17
H8 GAO A 10 12.34 7.20 -4.52
H1 GAO A 10 14.27 3.28 0.20
H21 GAO A 10 14.62 6.31 1.82
H22 GAO A 10 14.84 4.55 2.00
O5' GAO A 1 -14.62 7.82 7.90
C5' GAO A 1 -14.89 6.54 7.38
C4' GAO A 1 -14.33 5.43 8.29
O4' GAO A 1 -14.69 4.19 7.73
C3' GAO A 1 -12.80 5.46 8.41
O3' GAO A 1 -12.41 5.02 9.72
C2' GAO A 1 -12.36 4.52 7.30
O2' GAO A 1 -12.17 5.21 6.08
C1' GAO A 1 -13.52 3.49 7.33
N9 GAO A 1 -13.81 2.79 6.07
C8 GAO A 1 -13.92 3.31 4.81
N7 GAO A 1 -14.29 2.47 3.89
C5 GAO A 1 -14.38 1.27 4.58
C6 GAO A 1 -14.66 -0.05 4.11
O6 GAO A 1 -14.96 -0.45 2.99
N1 GAO A 1 -14.50 -1.02 5.10
C2 GAO A 1 -14.16 -0.75 6.39
N2 GAO A 1 -13.92 -1.79 7.15
N3 GAO A 1 -13.95 0.48 6.87
C4 GAO A 1 -14.07 1.45 5.91
H5' GAO A 1 -14.46 6.44 6.39
H5'' GAO A 1 -15.96 6.40 7.30
H4' GAO A 1 -14.78 5.51 9.27
H3' GAO A 1 -12.42 6.46 8.24
H2' GAO A 1 -11.43 4.00 7.52
HO2' GAO A 1 -11.49 5.88 6.20
H1' GAO A 1 -13.29 2.75 8.08
H8 GAO A 1 -13.69 4.35 4.63
H1 GAO A 1 -14.53 -1.96 4.75
H21 GAO A 1 -13.60 -1.60 8.09
H22 GAO A 1 -13.93 -2.73 6.75
HO5' GAO A 1 -15.21 8.01 8.64
P CAR A 2 -10.87 5.13 10.23
OP1 CAR A 2 -10.90 5.39 11.69
OP2 CAR A 2 -10.14 6.04 9.32
O5' CAR A 2 -10.34 3.65 9.98
C5' CAR A 2 -10.79 2.56 10.75
C4' CAR A 2 -10.43 1.24 10.08
O4' CAR A 2 -11.05 1.18 8.81
C3' CAR A 2 -8.93 1.03 9.85
O3' CAR A 2 -8.41 0.13 10.83
C2' CAR A 2 -8.83 0.44 8.45
O2' CAR A 2 -8.10 1.26 7.55
C1' CAR A 2 -10.30 0.23 8.07
N1 CAR A 2 -10.58 0.36 6.62
C2 CAR A 2 -10.74 -0.80 5.86
O2 CAR A 2 -10.61 -1.92 6.36
N3 CAR A 2 -11.04 -0.71 4.53
C4 CAR A 2 -11.14 0.49 3.98
N4 CAR A 2 -11.42 0.54 2.70
C5 CAR A 2 -10.96 1.70 4.72
C6 CAR A 2 -10.65 1.58 6.02
H5' CAR A 2 -11.88 2.59 10.85
H5'' CAR A 2 -10.35 2.59 11.75
H4' CAR A 2 -10.80 0.41 10.68
H3' CAR A 2 -8.41 1.99 9.89
H2' CAR A 2 -8.38 -0.55 8.48
HO2' CAR A 2 -7.17 1.29 7.82
H1' CAR A 2 -10.58 -0.77 8.40
HN41 CAR A 2 -11.54 1.44 2.28
HN42 CAR A 2 -11.49 -0.32 2.16
H5 CAR A 2 -11.04 2.71 4.33
H6 CAR A 2 -10.46 2.48 6.59
P UAR A 3 -6.84 -0.16 10.99
OP1 UAR A 3 -6.61 -0.64 12.37
OP2 UAR A 3 -6.10 1.00 10.46
O5' UAR A 3 -6.59 -1.40 9.98
C5' UAR A 3 -7.09 -2.69 10.29
C4' UAR A 3 -6.76 -3.77 9.26
O4' UAR A 3 -7.39 -3.49 8.02
C3' UAR A 3 -5.26 -3.94 9.01
O3' UAR A 3 -4.91 -5.31 9.17
C2' UAR A 3 -5.06 -3.46 7.56
O2' UAR A 3 -4.68 -2.10 7.47
C1' UAR A 3 -6.46 -3.75 6.98
N1 UAR A 3 -6.82 -2.92 5.80
C2 UAR A 3 -6.94 -3.56 4.56
O2 UAR A 3 -6.75 -4.75 4.38
N3 UAR A 3 -7.33 -2.76 3.49
C4 UAR A 3 -7.60 -1.41 3.56
O4 UAR A 3 -7.96 -0.80 2.56
C5 UAR A 3 -7.44 -0.82 4.88
C6 UAR A 3 -7.06 -1.58 5.94
H5' UAR A 3 -8.18 -2.61 10.37
H5'' UAR A 3 -6.69 -3.00 11.25
H4' UAR A 3 -7.16 -4.71 9.64
H3' UAR A 3 -4.69 -3.32 9.70
H2' UAR A 3 -4.33 -4.08 7.05
HO2' UAR A 3 -4.12 -1.86 8.21
H1' UAR A 3 -6.50 -4.80 6.71
H3 UAR A 3 -7.43 -3.20 2.58
H5 UAR A 3 -7.63 0.23 5.01
H6 UAR A 3 -6.96 -1.15 6.92
P A5O A 4 -3.36 -5.79 9.22
N1 A5O A 4 -4.61 -2.93 -0.10
C2 A5O A 4 -4.37 -4.23 0.04
N3 A5O A 4 -4.05 -4.88 1.16
C4 A5O A 4 -3.95 -4.05 2.23
C5 A5O A 4 -4.15 -2.70 2.25
C6 A5O A 4 -4.53 -2.16 0.99
N6 A5O A 4 -4.77 -0.88 0.77
N7 A5O A 4 -3.91 -2.16 3.51
C8 A5O A 4 -3.55 -3.20 4.21
N9 A5O A 4 -3.54 -4.38 3.50
C1' A5O A 4 -3.12 -5.72 3.94
C2' A5O A 4 -1.74 -5.80 4.61
O2' A5O A 4 -1.52 -4.83 5.61
C3' A5O A 4 -1.86 -7.20 5.18
O3' A5O A 4 -1.56 -8.19 4.22
C4' A5O A 4 -3.35 -7.31 5.55
O4' A5O A 4 -4.02 -6.25 4.89
C5' A5O A 4 -3.62 -7.24 7.05
O5' A5O A 4 -3.05 -6.09 7.66
OP1 A5O A 4 -3.31 -7.07 9.96
OP2 A5O A 4 -2.53 -4.64 9.64
H2 A5O A 4 -4.47 -4.81 -0.86
H8 A5O A 4 -3.26 -3.16 5.26
HN6 A5O A 4 -5.08 -0.62 -0.18
HN6A A5O A 4 -4.75 -0.22 1.52
H5' A5O A 4 -4.70 -7.22 7.21
H1' A5O A 4 -3.08 -6.36 3.04
H2' A5O A 4 -0.97 -5.74 3.84
H3' A5O A 4 -1.23 -7.33 6.06
H4' A5O A 4 -3.76 -8.25 5.19
H5'A A5O A 4 -3.21 -8.13 7.52
HO2' A5O A 4 -1.99 -5.10 6.42
P UAR A 5 -0.06 -8.48 3.71
OP1 UAR A 5 0.25 -9.90 3.98
OP2 UAR A 5 0.84 -7.41 4.18
O5' UAR A 5 -0.26 -8.28 2.13
C5' UAR A 5 -1.12 -9.17 1.42
C4' UAR A 5 -1.23 -8.83 -0.06
O4' UAR A 5 -1.79 -7.54 -0.20
C3' UAR A 5 0.14 -8.85 -0.76
O3' UAR A 5 0.03 -9.58 -1.98
C2' UAR A 5 0.47 -7.38 -0.95
O2' UAR A 5 1.33 -6.89 0.05
C1' UAR A 5 -0.94 -6.75 -1.00
N1 UAR A 5 -1.01 -5.33 -0.55
C2 UAR A 5 -1.38 -4.37 -1.49
O2 UAR A 5 -1.61 -4.62 -2.67
N3 UAR A 5 -1.49 -3.08 -1.05
C4 UAR A 5 -1.27 -2.65 0.24
O4 UAR A 5 -1.40 -1.45 0.51
C5 UAR A 5 -0.95 -3.71 1.18
C6 UAR A 5 -0.83 -4.99 0.77
H5' UAR A 5 -2.12 -9.13 1.85
H5'' UAR A 5 -0.72 -10.17 1.53
H4' UAR A 5 -1.89 -9.56 -0.53
H3' UAR A 5 0.89 -9.33 -0.13
H2' UAR A 5 0.92 -7.24 -1.93
HO2' UAR A 5 1.10 -7.29 0.91
H1' UAR A 5 -1.27 -6.80 -2.03
H3 UAR A 5 -1.76 -2.38 -1.73
H5 UAR A 5 -0.82 -3.46 2.23
H6 UAR A 5 -0.59 -5.77 1.48
P A5O A 6 1.32 -9.94 -2.89
N1 A5O A 6 1.03 -0.14 -3.52
C2 A5O A 6 1.06 -0.72 -4.72
N3 A5O A 6 1.17 -2.01 -4.98
C4 A5O A 6 1.36 -2.75 -3.86
C5 A5O A 6 1.42 -2.30 -2.57
C6 A5O A 6 1.18 -0.91 -2.43
N6 A5O A 6 1.08 -0.25 -1.30
N7 A5O A 6 1.66 -3.36 -1.68
C8 A5O A 6 1.72 -4.40 -2.49
N9 A5O A 6 1.52 -4.11 -3.81
C1' A5O A 6 1.40 -5.01 -4.98
C2' A5O A 6 2.68 -5.76 -5.33
O2' A5O A 6 3.40 -6.19 -4.19
C3' A5O A 6 2.06 -6.90 -6.15
O3' A5O A 6 1.90 -6.57 -7.53
C4' A5O A 6 0.66 -7.08 -5.55
O4' A5O A 6 0.42 -5.99 -4.68
C5' A5O A 6 0.46 -8.40 -4.81
O5' A5O A 6 1.44 -8.64 -3.83
OP1 A5O A 6 0.96 -11.09 -3.74
OP2 A5O A 6 2.50 -10.00 -2.01
H2 A5O A 6 1.05 -0.08 -5.57
H8 A5O A 6 1.88 -5.41 -2.16
HN6 A5O A 6 0.84 0.74 -1.33
HN6A A5O A 6 1.10 -0.75 -0.42
H5' A5O A 6 -0.53 -8.38 -4.34
H1' A5O A 6 1.11 -4.41 -5.84
H2' A5O A 6 3.32 -5.14 -5.95
H3' A5O A 6 2.64 -7.81 -6.06
H4' A5O A 6 -0.08 -7.04 -6.35
H5'A A5O A 6 0.48 -9.21 -5.55
HO2' A5O A 6 3.36 -7.15 -4.12
P A5O A 7 3.14 -6.52 -8.55
N1 A5O A 7 3.76 1.63 -3.24
C2 A5O A 7 3.52 1.85 -4.52
N3 A5O A 7 3.58 0.98 -5.51
C4 A5O A 7 3.99 -0.24 -5.08
C5 A5O A 7 4.30 -0.62 -3.81
C6 A5O A 7 4.14 0.42 -2.86
N6 A5O A 7 4.29 0.30 -1.55
N7 A5O A 7 4.70 -1.96 -3.77
C8 A5O A 7 4.59 -2.33 -5.02
N9 A5O A 7 4.11 -1.35 -5.86
C1' A5O A 7 3.83 -1.39 -7.31
C2' A5O A 7 5.03 -1.71 -8.16
O2' A5O A 7 5.96 -2.58 -7.52
C3' A5O A 7 4.42 -2.32 -9.42
O3' A5O A 7 4.40 -1.45 -10.55
C4' A5O A 7 2.98 -2.61 -9.02
O4' A5O A 7 2.83 -2.32 -7.64
C5' A5O A 7 2.58 -4.06 -9.29
O5' A5O A 7 3.44 -4.95 -8.60
OP1 A5O A 7 2.66 -6.95 -9.88
OP2 A5O A 7 4.29 -7.20 -7.92
H2 A5O A 7 3.23 2.85 -4.79
H8 A5O A 7 4.86 -3.28 -5.41
HN6 A5O A 7 4.04 1.12 -1.00
HN6A A5O A 7 4.52 -0.59 -1.15
H5' A5O A 7 1.56 -4.20 -8.95
H1' A5O A 7 3.55 -0.37 -7.59
H2' A5O A 7 5.47 -0.75 -8.36
H3' A5O A 7 4.94 -3.25 -9.68
H4' A5O A 7 2.32 -1.96 -9.58
H5'A A5O A 7 2.65 -4.24 -10.36
HO2' A5O A 7 6.68 -2.78 -8.13
P UAR A 8 5.74 -0.89 -11.26
OP1 UAR A 8 5.41 -0.54 -12.66
OP2 UAR A 8 6.87 -1.80 -10.95
O5' UAR A 8 5.96 0.47 -10.44
C5' UAR A 8 4.98 1.50 -10.46
C4' UAR A 8 5.29 2.58 -9.44
O4' UAR A 8 5.21 2.06 -8.12
C3' UAR A 8 6.70 3.16 -9.60
O3' UAR A 8 6.62 4.50 -10.05
C2' UAR A 8 7.34 3.02 -8.22
O2' UAR A 8 8.28 1.97 -8.15
C1' UAR A 8 6.10 2.85 -7.34
N1 UAR A 8 6.44 2.25 -6.03
C2 UAR A 8 6.54 3.11 -4.94
O2 UAR A 8 6.32 4.32 -5.01
N3 UAR A 8 6.88 2.55 -3.74
C4 UAR A 8 7.25 1.24 -3.53
O4 UAR A 8 7.51 0.86 -2.39
C5 UAR A 8 7.19 0.41 -4.72
C6 UAR A 8 6.77 0.93 -5.91
H5' UAR A 8 4.00 1.07 -10.24
H5'' UAR A 8 4.94 1.95 -11.46
H4' UAR A 8 4.55 3.37 -9.55
H3' UAR A 8 7.26 2.56 -10.34
H2' UAR A 8 7.82 3.93 -7.89
HO2' UAR A 8 8.15 1.37 -8.90
H1' UAR A 8 5.65 3.83 -7.16
H3 UAR A 8 6.91 3.16 -2.93
H5 UAR A 8 7.45 -0.63 -4.62
H6 UAR A 8 6.68 0.30 -6.79
P GAO A 9 7.93 5.31 -10.51
OP1 GAO A 9 7.49 6.48 -11.29
OP2 GAO A 9 8.90 4.35 -11.06
O5' GAO A 9 8.49 5.83 -9.09
C5' GAO A 9 7.77 6.82 -8.37
C4' GAO A 9 8.49 7.32 -7.13
O4' GAO A 9 8.35 6.38 -6.06
C3' GAO A 9 10.00 7.54 -7.35
O3' GAO A 9 10.37 8.78 -6.77
C2' GAO A 9 10.63 6.33 -6.65
O2' GAO A 9 10.69 5.21 -7.50
C1' GAO A 9 9.64 6.16 -5.50
N9 GAO A 9 9.74 4.90 -4.74
C8 GAO A 9 9.75 3.60 -5.16
N7 GAO A 9 10.00 2.73 -4.21
C5 GAO A 9 10.13 3.52 -3.06
C6 GAO A 9 10.37 3.20 -1.68
O6 GAO A 9 10.51 2.11 -1.13
N1 GAO A 9 10.40 4.31 -0.85
C2 GAO A 9 10.23 5.58 -1.28
N2 GAO A 9 10.27 6.54 -0.39
N3 GAO A 9 10.00 5.93 -2.54
C4 GAO A 9 9.96 4.85 -3.39
H5' GAO A 9 6.79 6.42 -8.07
H5'' GAO A 9 7.62 7.68 -9.03
H4' GAO A 9 8.01 8.26 -6.87
H3' GAO A 9 10.25 7.53 -8.41
H2' GAO A 9 11.61 6.58 -6.24
HO2' GAO A 9 9.94 5.26 -8.12
H1' GAO A 9 9.87 6.90 -4.75
H8 GAO A 9 9.56 3.35 -6.19
H1 GAO A 9 10.51 4.14 0.14
H21 GAO A 9 10.09 7.46 -0.74
H22 GAO A 9 10.43 6.36 0.61
P GAO A 10 11.84 9.41 -6.98
OP1 GAO A 10 11.68 10.84 -7.35
OP2 GAO A 10 12.64 8.51 -7.82
O5' GAO A 10 12.42 9.33 -5.49
C5' GAO A 10 12.03 10.29 -4.51
C4' GAO A 10 12.73 10.09 -3.18
O4' GAO A 10 12.34 8.84 -2.63
C3' GAO A 10 14.25 10.06 -3.28
O3' GAO A 10 14.83 11.33 -2.99
C2' GAO A 10 14.70 9.00 -2.28
O2' GAO A 10 15.65 8.11 -2.82
C1' GAO A 10 13.39 8.36 -1.81
N9 GAO A 10 13.39 6.89 -1.84
C8 GAO A 10 13.25 6.08 -2.92
N7 GAO A 10 13.37 4.80 -2.65
C5 GAO A 10 13.56 4.78 -1.26
C6 GAO A 10 13.70 3.70 -0.33
O6 GAO A 10 13.77 2.48 -0.51
N1 GAO A 10 13.77 4.11 0.99
C2 GAO A 10 13.76 5.41 1.38
N2 GAO A 10 13.87 5.63 2.67
N3 GAO A 10 13.68 6.45 0.55
C4 GAO A 10 13.56 6.06 -0.75
H5' GAO A 10 10.95 10.23 -4.36
H5'' GAO A 10 12.28 11.28 -4.89
H4' GAO A 10 12.43 10.88 -2.50
H3' GAO A 10 14.52 9.74 -4.29
HO3' GAO A 10 15.76 11.31 -3.19
H2' GAO A 10 15.13 9.50 -1.41
HO2' GAO A 10 15.50 7.96 -3.76
H1' GAO A 10 13.22 8.63 -0.79
H8 GAO A 10 13.05 6.54 -3.86
H1 GAO A 10 13.78 3.39 1.69
H21 GAO A 10 13.89 6.59 2.97
H22 GAO A 10 13.94 4.85 3.35
O5' GAO A 1 -15.86 7.45 6.63
C5' GAO A 1 -16.09 6.15 6.09
C4' GAO A 1 -15.67 5.09 7.10
O4' GAO A 1 -15.97 3.84 6.51
C3' GAO A 1 -14.18 5.12 7.45
O3' GAO A 1 -14.02 4.71 8.81
C2' GAO A 1 -13.58 4.13 6.46
O2' GAO A 1 -13.17 4.78 5.28
C1' GAO A 1 -14.75 3.13 6.34
N9 GAO A 1 -14.82 2.38 5.07
C8 GAO A 1 -14.76 2.88 3.80
N7 GAO A 1 -14.91 2.00 2.86
C5 GAO A 1 -15.04 0.80 3.57
C6 GAO A 1 -15.19 -0.55 3.11
O6 GAO A 1 -15.31 -0.97 1.96
N1 GAO A 1 -15.13 -1.48 4.13
C2 GAO A 1 -15.09 -1.16 5.46
N2 GAO A 1 -15.03 -2.17 6.29
N3 GAO A 1 -15.03 0.09 5.93
C4 GAO A 1 -14.98 1.03 4.93
H5' GAO A 1 -15.52 6.01 5.16
H5'' GAO A 1 -17.15 6.01 5.89
H4' GAO A 1 -16.25 5.24 8.02
H3' GAO A 1 -13.76 6.12 7.31
H2' GAO A 1 -12.72 3.61 6.87
HO2' GAO A 1 -12.44 5.39 5.49
H1' GAO A 1 -14.63 2.40 7.16
H8 GAO A 1 -14.59 3.93 3.64
H1 GAO A 1 -15.02 -2.45 3.84
H21 GAO A 1 -14.91 -1.93 7.26
H22 GAO A 1 -14.90 -3.12 5.93
HO5' GAO A 1 -15.69 8.06 5.90
P CAR A 2 -12.63 4.85 9.59
OP1 CAR A 2 -12.92 5.07 11.02
OP2 CAR A 2 -11.76 5.79 8.84
O5' CAR A 2 -12.04 3.38 9.40
C5' CAR A 2 -12.58 2.28 10.09
C4' CAR A 2 -12.07 0.98 9.49
O4' CAR A 2 -12.50 0.90 8.14
C3' CAR A 2 -10.54 0.85 9.47
O3' CAR A 2 -10.11 -0.05 10.49
C2' CAR A 2 -10.22 0.33 8.07
O2' CAR A 2 -9.49 1.26 7.30
C1' CAR A 2 -11.60 0.00 7.53
N1 CAR A 2 -11.66 0.10 6.06
C2 CAR A 2 -11.67 -1.08 5.30
O2 CAR A 2 -11.59 -2.19 5.84
N3 CAR A 2 -11.77 -1.02 3.96
C4 CAR A 2 -11.84 0.16 3.37
N4 CAR A 2 -11.96 0.15 2.06
C5 CAR A 2 -11.80 1.40 4.09
C6 CAR A 2 -11.68 1.32 5.43
H5' CAR A 2 -13.68 2.27 9.99
H5'' CAR A 2 -12.32 2.31 11.15
H4' CAR A 2 -12.48 0.13 10.04
H3' CAR A 2 -10.07 1.83 9.62
H2' CAR A 2 -9.67 -0.62 8.14
HO2' CAR A 2 -8.87 1.75 7.88
H1' CAR A 2 -11.84 -1.02 7.83
HN41 CAR A 2 -12.06 1.02 1.58
HN42 CAR A 2 -12.00 -0.75 1.59
H5 CAR A 2 -11.86 2.40 3.68
H6 CAR A 2 -11.59 2.23 6.00
P UAR A 3 -8.56 -0.32 10.82
OP1 UAR A 3 -8.47 -0.78 12.23
OP2 UAR A 3 -7.78 0.84 10.35
O5' UAR A 3 -8.18 -1.57 9.86
C5' UAR A 3 -8.77 -2.84 10.12
C4' UAR A 3 -8.30 -3.95 9.16
O4' UAR A 3 -8.70 -3.65 7.84
C3' UAR A 3 -6.77 -4.13 9.16
O3' UAR A 3 -6.44 -5.50 9.22
C2' UAR A 3 -6.33 -3.52 7.84
O2' UAR A 3 -6.02 -2.14 7.97
C1' UAR A 3 -7.58 -3.83 7.00
N1 UAR A 3 -7.74 -2.97 5.79
C2 UAR A 3 -7.69 -3.57 4.53
O2 UAR A 3 -7.41 -4.75 4.35
N3 UAR A 3 -7.95 -2.75 3.45
C4 UAR A 3 -8.25 -1.41 3.52
O4 UAR A 3 -8.44 -0.78 2.48
C5 UAR A 3 -8.30 -0.85 4.85
C6 UAR A 3 -8.05 -1.63 5.94
H5' UAR A 3 -9.85 -2.77 10.03
H5'' UAR A 3 -8.50 -3.15 11.13
H4' UAR A 3 -8.76 -4.89 9.47
H3' UAR A 3 -6.32 -3.60 10.01
H2' UAR A 3 -5.48 -4.06 7.41
HO2' UAR A 3 -6.68 -1.73 8.57
H1' UAR A 3 -7.50 -4.87 6.68
H3 UAR A 3 -7.93 -3.18 2.53
H5 UAR A 3 -8.55 0.19 4.97
H6 UAR A 3 -8.09 -1.23 6.93
P A5O A 4 -4.94 -6.00 9.52
N1 A5O A 4 -4.72 -2.97 0.32
C2 A5O A 4 -4.49 -4.27 0.44
N3 A5O A 4 -4.32 -4.97 1.57
C4 A5O A 4 -4.38 -4.17 2.67
C5 A5O A 4 -4.61 -2.83 2.71
C6 A5O A 4 -4.80 -2.25 1.44
N6 A5O A 4 -5.03 -0.97 1.24
N7 A5O A 4 -4.60 -2.34 4.02
C8 A5O A 4 -4.31 -3.40 4.73
N9 A5O A 4 -4.16 -4.55 3.98
C1' A5O A 4 -3.81 -5.91 4.41
C2' A5O A 4 -2.53 -6.05 5.24
O2' A5O A 4 -2.43 -5.13 6.30
C3' A5O A 4 -2.77 -7.48 5.73
O3' A5O A 4 -2.43 -8.46 4.76
C4' A5O A 4 -4.30 -7.53 5.90
O4' A5O A 4 -4.85 -6.44 5.19
C5' A5O A 4 -4.75 -7.46 7.35
O5' A5O A 4 -4.37 -6.27 8.02
OP1 A5O A 4 -5.03 -7.29 10.23
OP2 A5O A 4 -4.17 -4.86 10.09
H2 A5O A 4 -4.44 -4.81 -0.49
H8 A5O A 4 -4.19 -3.38 5.80
HN6 A5O A 4 -5.27 -0.69 0.28
HN6A A5O A 4 -5.10 -0.34 2.02
H5' A5O A 4 -5.83 -7.56 7.37
H1' A5O A 4 -3.65 -6.48 3.49
H2' A5O A 4 -1.67 -6.00 4.57
H3' A5O A 4 -2.25 -7.66 6.68
H4' A5O A 4 -4.67 -8.46 5.47
H5'A A5O A 4 -4.31 -8.32 7.89
HO2' A5O A 4 -3.04 -5.38 7.01
P UAR A 5 -0.92 -8.88 4.42
OP1 UAR A 5 -0.83 -10.35 4.57
OP2 UAR A 5 0.00 -7.98 5.13
O5' UAR A 5 -0.84 -8.54 2.85
C5' UAR A 5 -1.58 -9.32 1.92
C4' UAR A 5 -1.45 -8.84 0.49
O4' UAR A 5 -1.99 -7.53 0.39
C3' UAR A 5 0.00 -8.80 0.00
O3' UAR A 5 0.07 -9.38 -1.29
C2' UAR A 5 0.37 -7.31 0.00
O2' UAR A 5 1.04 -6.92 1.20
C1' UAR A 5 -1.02 -6.71 -0.22
N1 UAR A 5 -1.18 -5.31 0.28
C2 UAR A 5 -1.43 -4.31 -0.66
O2 UAR A 5 -1.57 -4.52 -1.86
N3 UAR A 5 -1.53 -3.03 -0.18
C4 UAR A 5 -1.43 -2.65 1.14
O4 UAR A 5 -1.56 -1.46 1.44
C5 UAR A 5 -1.24 -3.75 2.07
C6 UAR A 5 -1.14 -5.03 1.63
H5' UAR A 5 -2.63 -9.31 2.19
H5'' UAR A 5 -1.22 -10.36 1.97
H4' UAR A 5 -2.02 -9.52 -0.15
H3' UAR A 5 0.67 -9.36 0.68
H2' UAR A 5 0.98 -7.06 -0.86
HO2' UAR A 5 0.74 -7.49 1.93
H1' UAR A 5 -1.18 -6.70 -1.31
H3 UAR A 5 -1.72 -2.31 -0.87
H5 UAR A 5 -1.21 -3.56 3.14
H6 UAR A 5 -1.01 -5.85 2.34
P A5O A 6 1.46 -9.58 -2.08
N1 A5O A 6 0.97 0.05 -2.75
C2 A5O A 6 0.92 -0.49 -3.96
N3 A5O A 6 0.99 -1.77 -4.28
C4 A5O A 6 1.21 -2.55 -3.18
C5 A5O A 6 1.32 -2.15 -1.88
C6 A5O A 6 1.14 -0.75 -1.70
N6 A5O A 6 1.17 -0.15 -0.52
N7 A5O A 6 1.59 -3.22 -1.04
C8 A5O A 6 1.64 -4.24 -1.86
N9 A5O A 6 1.40 -3.90 -3.18
C1' A5O A 6 1.22 -4.80 -4.35
C2' A5O A 6 2.47 -5.56 -4.79
O2' A5O A 6 3.29 -5.99 -3.71
C3' A5O A 6 1.81 -6.73 -5.53
O3' A5O A 6 1.55 -6.47 -6.90
C4' A5O A 6 0.47 -6.90 -4.83
O4' A5O A 6 0.26 -5.77 -4.00
C5' A5O A 6 0.38 -8.16 -3.99
O5' A5O A 6 1.44 -8.30 -3.05
OP1 A5O A 6 1.34 -10.81 -2.90
OP2 A5O A 6 2.57 -9.43 -1.11
H2 A5O A 6 0.88 0.17 -4.81
H8 A5O A 6 1.83 -5.26 -1.57
HN6 A5O A 6 1.03 0.85 -0.49
HN6A A5O A 6 1.29 -0.72 0.31
H5' A5O A 6 -0.57 -8.13 -3.46
H1' A5O A 6 0.88 -4.20 -5.20
H2' A5O A 6 3.04 -4.92 -5.46
H3' A5O A 6 2.42 -7.63 -5.43
H4' A5O A 6 -0.33 -6.92 -5.57
H5'A A5O A 6 0.38 -9.01 -4.67
HO2' A5O A 6 2.86 -6.74 -3.27
P A5O A 7 2.71 -6.39 -8.01
N1 A5O A 7 3.76 1.89 -2.84
C2 A5O A 7 3.41 2.10 -4.11
N3 A5O A 7 3.40 1.23 -5.10
C4 A5O A 7 3.80 -0.01 -4.68
C5 A5O A 7 4.17 -0.39 -3.43
C6 A5O A 7 4.12 0.66 -2.48
N6 A5O A 7 4.45 0.57 -1.21
N7 A5O A 7 4.54 -1.74 -3.40
C8 A5O A 7 4.33 -2.12 -4.63
N9 A5O A 7 3.85 -1.13 -5.46
C1' A5O A 7 3.42 -1.19 -6.85
C2' A5O A 7 4.51 -1.58 -7.82
O2' A5O A 7 5.48 -2.46 -7.26
C3' A5O A 7 3.73 -2.19 -8.99
O3' A5O A 7 3.57 -1.33 -10.12
C4' A5O A 7 2.36 -2.48 -8.39
O4' A5O A 7 2.37 -2.12 -7.02
C5' A5O A 7 1.96 -3.94 -8.52
O5' A5O A 7 2.96 -4.81 -8.02
OP1 A5O A 7 2.15 -6.81 -9.30
OP2 A5O A 7 3.92 -7.05 -7.46
H2 A5O A 7 3.13 3.11 -4.34
H8 A5O A 7 4.54 -3.11 -5.03
HN6 A5O A 7 4.36 1.42 -0.64
HN6A A5O A 7 4.76 -0.31 -0.84
H5' A5O A 7 1.04 -4.09 -7.97
H1' A5O A 7 3.13 -0.18 -7.15
H2' A5O A 7 4.94 -0.62 -8.09
H3' A5O A 7 4.21 -3.12 -9.32
H4' A5O A 7 1.60 -1.86 -8.90
H5'A A5O A 7 1.79 -4.15 -9.58
HO2' A5O A 7 6.10 -2.73 -7.93
P UAR A 8 4.82 -0.87 -11.01
OP1 UAR A 8 4.33 -0.54 -12.36
OP2 UAR A 8 5.91 -1.86 -10.81
O5' UAR A 8 5.24 0.48 -10.23
C5' UAR A 8 4.32 1.54 -10.13
C4' UAR A 8 4.81 2.59 -9.14
O4' UAR A 8 4.90 2.06 -7.83
C3' UAR A 8 6.20 3.16 -9.49
O3' UAR A 8 6.06 4.47 -9.99
C2' UAR A 8 6.96 3.12 -8.14
O2' UAR A 8 7.99 2.15 -8.14
C1' UAR A 8 5.81 2.89 -7.16
N1 UAR A 8 6.30 2.31 -5.88
C2 UAR A 8 6.48 3.17 -4.80
O2 UAR A 8 6.26 4.38 -4.84
N3 UAR A 8 6.92 2.58 -3.62
C4 UAR A 8 7.20 1.25 -3.44
O4 UAR A 8 7.52 0.86 -2.32
C5 UAR A 8 6.99 0.42 -4.62
C6 UAR A 8 6.56 0.97 -5.79
H5' UAR A 8 3.36 1.17 -9.77
H5'' UAR A 8 4.17 2.01 -11.11
H4' UAR A 8 4.08 3.41 -9.12
H3' UAR A 8 6.69 2.53 -10.22
H2' UAR A 8 7.38 4.07 -7.89
HO2' UAR A 8 7.69 1.34 -8.55
H1' UAR A 8 5.35 3.85 -6.93
H3 UAR A 8 7.07 3.20 -2.83
H5 UAR A 8 7.15 -0.64 -4.55
H6 UAR A 8 6.35 0.38 -6.67
P GAO A 9 7.31 5.26 -10.65
OP1 GAO A 9 6.77 6.36 -11.46
OP2 GAO A 9 8.23 4.26 -11.25
O5' GAO A 9 8.03 5.87 -9.35
C5' GAO A 9 7.39 6.91 -8.64
C4' GAO A 9 8.19 7.41 -7.45
O4' GAO A 9 8.13 6.48 -6.36
C3' GAO A 9 9.69 7.61 -7.79
O3' GAO A 9 10.09 8.85 -7.23
C2' GAO A 9 10.37 6.40 -7.14
O2' GAO A 9 10.36 5.26 -7.98
C1' GAO A 9 9.46 6.26 -5.91
N9 GAO A 9 9.63 5.02 -5.14
C8 GAO A 9 9.57 3.71 -5.55
N7 GAO A 9 9.85 2.85 -4.61
C5 GAO A 9 10.13 3.65 -3.50
C6 GAO A 9 10.48 3.32 -2.14
O6 GAO A 9 10.61 2.23 -1.59
N1 GAO A 9 10.67 4.44 -1.34
C2 GAO A 9 10.59 5.72 -1.79
N2 GAO A 9 10.91 6.68 -0.97
N3 GAO A 9 10.22 6.06 -3.03
C4 GAO A 9 10.00 4.98 -3.83
H5' GAO A 9 6.43 6.56 -8.28
H5'' GAO A 9 7.25 7.75 -9.31
H4' GAO A 9 7.73 8.37 -7.18
H3' GAO A 9 9.86 7.61 -8.87
H2' GAO A 9 11.39 6.65 -6.82
HO2' GAO A 9 9.56 5.27 -8.53
H1' GAO A 9 9.76 7.01 -5.18
H8 GAO A 9 9.28 3.45 -6.56
H1 GAO A 9 10.90 4.27 -0.37
H21 GAO A 9 10.88 7.61 -1.35
H22 GAO A 9 11.27 6.48 -0.03
P GAO A 10 11.51 9.53 -7.60
OP1 GAO A 10 11.25 10.95 -7.88
OP2 GAO A 10 12.22 8.68 -8.58
O5' GAO A 10 12.28 9.41 -6.20
C5' GAO A 10 11.94 10.27 -5.12
C4' GAO A 10 12.79 10.04 -3.88
O4' GAO A 10 12.45 8.82 -3.23
C3' GAO A 10 14.30 10.07 -4.12
O3' GAO A 10 14.80 11.34 -3.64
C2' GAO A 10 14.85 8.98 -3.20
O2' GAO A 10 15.72 8.07 -3.85
C1' GAO A 10 13.61 8.35 -2.58
N9 GAO A 10 13.63 6.90 -2.65
C8 GAO A 10 13.30 6.13 -3.71
N7 GAO A 10 13.37 4.84 -3.49
C5 GAO A 10 13.81 4.78 -2.16
C6 GAO A 10 14.04 3.67 -1.29
O6 GAO A 10 13.93 2.45 -1.48
N1 GAO A 10 14.45 4.04 -0.01
C2 GAO A 10 14.61 5.33 0.39
N2 GAO A 10 15.01 5.54 1.62
N3 GAO A 10 14.41 6.40 -0.39
C4 GAO A 10 14.01 6.04 -1.65
H5' GAO A 10 10.89 10.11 -4.86
H5'' GAO A 10 12.08 11.31 -5.45
H4' GAO A 10 12.57 10.85 -3.18
H3' GAO A 10 14.50 9.80 -5.18
HO3' GAO A 10 15.35 11.77 -4.30
H2' GAO A 10 15.39 9.50 -2.41
HO2' GAO A 10 16.47 8.55 -4.20
H1' GAO A 10 13.61 8.60 -1.53
H8 GAO A 10 12.96 6.62 -4.61
H1 GAO A 10 14.58 3.29 0.65
H21 GAO A 10 15.15 6.50 1.88
H22 GAO A 10 15.15 4.77 2.28
O5' GAO A 1 -17.86 5.84 6.28
C5' GAO A 1 -16.49 5.96 6.60
C4' GAO A 1 -16.04 4.84 7.53
O4' GAO A 1 -16.32 3.60 6.90
C3' GAO A 1 -14.54 4.92 7.81
O3' GAO A 1 -14.30 4.59 9.16
C2' GAO A 1 -13.96 3.92 6.83
O2' GAO A 1 -13.56 4.56 5.63
C1' GAO A 1 -15.11 2.90 6.75
N9 GAO A 1 -15.17 2.17 5.47
C8 GAO A 1 -15.18 2.70 4.22
N7 GAO A 1 -15.37 1.86 3.26
C5 GAO A 1 -15.44 0.64 3.93
C6 GAO A 1 -15.56 -0.69 3.42
O6 GAO A 1 -15.71 -1.06 2.26
N1 GAO A 1 -15.44 -1.66 4.40
C2 GAO A 1 -15.29 -1.38 5.73
N2 GAO A 1 -15.10 -2.40 6.53
N3 GAO A 1 -15.22 -0.16 6.25
C4 GAO A 1 -15.29 0.82 5.29
H5' GAO A 1 -16.31 6.90 7.11
H5'' GAO A 1 -15.91 5.91 5.69
H4' GAO A 1 -16.58 4.92 8.48
H3' GAO A 1 -14.16 5.94 7.60
H2' GAO A 1 -13.09 3.44 7.25
HO2' GAO A 1 -12.71 4.98 5.76
H1' GAO A 1 -15.00 2.17 7.55
H8 GAO A 1 -15.02 3.76 4.08
H1 GAO A 1 -15.35 -2.60 4.05
H21 GAO A 1 -14.87 -2.17 7.49
H22 GAO A 1 -15.03 -3.35 6.16
HO5' GAO A 1 -18.00 4.99 5.84
P CAR A 2 -12.84 4.73 9.82
OP1 CAR A 2 -13.03 4.95 11.26
OP2 CAR A 2 -12.06 5.66 8.98
O5' CAR A 2 -12.26 3.25 9.59
C5' CAR A 2 -12.76 2.16 10.35
C4' CAR A 2 -12.28 0.82 9.81
O4' CAR A 2 -12.70 0.68 8.48
C3' CAR A 2 -10.75 0.68 9.82
O3' CAR A 2 -10.38 -0.26 10.83
C2' CAR A 2 -10.40 0.16 8.42
O2' CAR A 2 -9.64 1.03 7.61
C1' CAR A 2 -11.78 -0.19 7.86
N1 CAR A 2 -11.86 -0.07 6.38
C2 CAR A 2 -11.82 -1.23 5.60
O2 CAR A 2 -11.68 -2.34 6.09
N3 CAR A 2 -11.93 -1.13 4.25
C4 CAR A 2 -12.10 0.06 3.70
N4 CAR A 2 -12.22 0.08 2.39
C5 CAR A 2 -12.14 1.26 4.47
C6 CAR A 2 -11.98 1.15 5.80
H5' CAR A 2 -13.85 2.18 10.31
H5'' CAR A 2 -12.43 2.28 11.38
H4' CAR A 2 -12.71 0.01 10.41
H3' CAR A 2 -10.30 1.65 10.00
H2' CAR A 2 -9.83 -0.78 8.50
HO2' CAR A 2 -9.69 1.93 7.94
H1' CAR A 2 -12.00 -1.22 8.16
HN41 CAR A 2 -12.41 0.94 1.93
HN42 CAR A 2 -12.13 -0.81 1.88
H5 CAR A 2 -12.30 2.25 4.07
H6 CAR A 2 -11.96 2.04 6.41
P UAR A 3 -8.85 -0.48 11.27
OP1 UAR A 3 -8.88 -1.13 12.59
OP2 UAR A 3 -8.13 0.80 11.07
O5' UAR A 3 -8.27 -1.54 10.20
C5' UAR A 3 -8.66 -2.89 10.26
C4' UAR A 3 -8.01 -3.73 9.15
O4' UAR A 3 -8.55 -3.37 7.92
C3' UAR A 3 -6.48 -3.56 9.07
O3' UAR A 3 -5.84 -4.78 9.40
C2' UAR A 3 -6.21 -3.17 7.61
O2' UAR A 3 -5.84 -1.83 7.38
C1' UAR A 3 -7.54 -3.55 6.95
N1 UAR A 3 -7.84 -2.72 5.77
C2 UAR A 3 -7.68 -3.27 4.50
O2 UAR A 3 -7.29 -4.41 4.31
N3 UAR A 3 -7.99 -2.45 3.44
C4 UAR A 3 -8.42 -1.14 3.52
O4 UAR A 3 -8.65 -0.50 2.51
C5 UAR A 3 -8.56 -0.65 4.88
C6 UAR A 3 -8.27 -1.42 5.94
H5' UAR A 3 -9.73 -2.96 10.15
H5'' UAR A 3 -8.36 -3.32 11.21
H4' UAR A 3 -8.24 -4.78 9.34
H3' UAR A 3 -6.15 -2.78 9.75
H2' UAR A 3 -5.46 -3.83 7.18
HO2' UAR A 3 -5.60 -1.38 8.18
H1' UAR A 3 -7.49 -4.60 6.64
H3 UAR A 3 -7.89 -2.85 2.52
H5 UAR A 3 -8.93 0.35 5.06
H6 UAR A 3 -8.35 -1.04 6.95
P A5O A 4 -4.23 -4.87 9.53
N1 A5O A 4 -4.73 -2.72 0.19
C2 A5O A 4 -4.38 -3.98 0.36
N3 A5O A 4 -4.09 -4.61 1.49
C4 A5O A 4 -4.20 -3.78 2.57
C5 A5O A 4 -4.56 -2.46 2.56
C6 A5O A 4 -4.83 -1.95 1.28
N6 A5O A 4 -5.22 -0.71 1.06
N7 A5O A 4 -4.59 -1.93 3.85
C8 A5O A 4 -4.23 -2.94 4.59
N9 A5O A 4 -3.95 -4.09 3.88
C1' A5O A 4 -3.47 -5.39 4.37
C2' A5O A 4 -2.14 -5.33 5.12
O2' A5O A 4 -2.02 -4.24 6.03
C3' A5O A 4 -2.23 -6.64 5.88
O3' A5O A 4 -1.82 -7.75 5.11
C4' A5O A 4 -3.74 -6.83 6.12
O4' A5O A 4 -4.42 -5.93 5.27
C5' A5O A 4 -4.17 -6.58 7.55
O5' A5O A 4 -3.79 -5.30 8.04
OP1 A5O A 4 -3.89 -5.99 10.43
OP2 A5O A 4 -3.73 -3.51 9.79
H2 A5O A 4 -4.37 -4.57 -0.54
H8 A5O A 4 -4.13 -2.90 5.67
HN6 A5O A 4 -5.47 -0.47 0.09
HN6A A5O A 4 -5.35 -0.10 1.83
H5' A5O A 4 -5.25 -6.67 7.59
H1' A5O A 4 -3.32 -6.04 3.50
H2' A5O A 4 -1.33 -5.32 4.41
H3' A5O A 4 -1.67 -6.60 6.82
H4' A5O A 4 -4.03 -7.84 5.85
H5'A A5O A 4 -3.74 -7.36 8.19
HO2' A5O A 4 -2.55 -4.46 6.82
P UAR A 5 -0.31 -7.96 4.60
OP1 UAR A 5 0.06 -9.37 4.89
OP2 UAR A 5 0.54 -6.85 5.07
O5' UAR A 5 -0.50 -7.78 3.02
C5' UAR A 5 -1.41 -8.62 2.33
C4' UAR A 5 -1.39 -8.39 0.82
O4' UAR A 5 -1.87 -7.09 0.51
C3' UAR A 5 0.02 -8.52 0.23
O3' UAR A 5 -0.02 -9.23 -1.00
C2' UAR A 5 0.48 -7.08 0.08
O2' UAR A 5 1.19 -6.65 1.22
C1' UAR A 5 -0.87 -6.37 -0.17
N1 UAR A 5 -0.94 -4.94 0.25
C2 UAR A 5 -1.26 -3.98 -0.72
O2 UAR A 5 -1.44 -4.24 -1.90
N3 UAR A 5 -1.40 -2.70 -0.27
C4 UAR A 5 -1.31 -2.27 1.04
O4 UAR A 5 -1.49 -1.09 1.30
C5 UAR A 5 -1.04 -3.33 1.99
C6 UAR A 5 -0.86 -4.61 1.57
H5' UAR A 5 -2.41 -8.44 2.70
H5'' UAR A 5 -1.15 -9.66 2.51
H4' UAR A 5 -2.04 -9.12 0.36
H3' UAR A 5 0.68 -9.04 0.93
H2' UAR A 5 1.10 -6.96 -0.81
HO2' UAR A 5 0.71 -6.97 2.01
H1' UAR A 5 -1.03 -6.40 -1.25
H3 UAR A 5 -1.63 -2.00 -0.96
H5 UAR A 5 -1.02 -3.11 3.05
H6 UAR A 5 -0.69 -5.38 2.30
P A5O A 6 1.32 -9.60 -1.80
N1 A5O A 6 1.08 0.04 -2.70
C2 A5O A 6 1.03 -0.54 -3.89
N3 A5O A 6 1.13 -1.85 -4.16
C4 A5O A 6 1.38 -2.58 -3.05
C5 A5O A 6 1.51 -2.12 -1.77
C6 A5O A 6 1.30 -0.72 -1.63
N6 A5O A 6 1.32 -0.07 -0.48
N7 A5O A 6 1.83 -3.16 -0.88
C8 A5O A 6 1.87 -4.20 -1.67
N9 A5O A 6 1.58 -3.93 -2.98
C1' A5O A 6 1.44 -4.87 -4.13
C2' A5O A 6 2.73 -5.66 -4.42
O2' A5O A 6 3.40 -6.10 -3.27
C3' A5O A 6 2.16 -6.86 -5.19
O3' A5O A 6 2.15 -6.69 -6.59
C4' A5O A 6 0.72 -6.97 -4.68
O4' A5O A 6 0.45 -5.84 -3.86
C5' A5O A 6 0.51 -8.26 -3.91
O5' A5O A 6 1.43 -8.37 -2.82
OP1 A5O A 6 1.08 -10.84 -2.58
OP2 A5O A 6 2.48 -9.51 -0.88
H2 A5O A 6 0.97 0.09 -4.76
H8 A5O A 6 2.10 -5.19 -1.32
HN6 A5O A 6 1.18 0.94 -0.51
HN6A A5O A 6 1.49 -0.57 0.37
H5' A5O A 6 -0.51 -8.27 -3.52
H1' A5O A 6 1.20 -4.28 -5.01
H2' A5O A 6 3.37 -5.05 -5.04
H3' A5O A 6 2.73 -7.75 -4.95
H4' A5O A 6 0.03 -6.97 -5.53
H5'A A5O A 6 0.64 -9.11 -4.58
HO2' A5O A 6 2.98 -6.90 -2.94
P A5O A 7 3.52 -6.59 -7.44
N1 A5O A 7 3.80 1.91 -2.81
C2 A5O A 7 3.42 2.08 -4.08
N3 A5O A 7 3.42 1.16 -5.04
C4 A5O A 7 3.89 -0.03 -4.60
C5 A5O A 7 4.31 -0.37 -3.35
C6 A5O A 7 4.22 0.71 -2.43
N6 A5O A 7 4.49 0.64 -1.14
N7 A5O A 7 4.71 -1.70 -3.29
C8 A5O A 7 4.52 -2.11 -4.51
N9 A5O A 7 4.03 -1.16 -5.35
C1' A5O A 7 3.63 -1.30 -6.77
C2' A5O A 7 4.77 -1.55 -7.72
O2' A5O A 7 5.91 -2.20 -7.18
C3' A5O A 7 4.03 -2.29 -8.85
O3' A5O A 7 3.64 -1.46 -9.93
C4' A5O A 7 2.74 -2.81 -8.22
O4' A5O A 7 2.73 -2.39 -6.87
C5' A5O A 7 2.59 -4.32 -8.34
O5' A5O A 7 3.61 -5.01 -7.65
OP1 A5O A 7 3.27 -7.25 -8.74
OP2 A5O A 7 4.65 -7.01 -6.59
H2 A5O A 7 3.10 3.07 -4.35
H8 A5O A 7 4.73 -3.10 -4.89
HN6 A5O A 7 4.36 1.51 -0.61
HN6A A5O A 7 4.75 -0.24 -0.72
H5' A5O A 7 1.63 -4.60 -7.91
H1' A5O A 7 3.22 -0.34 -7.08
H2' A5O A 7 5.04 -0.55 -8.04
H3' A5O A 7 4.63 -3.13 -9.21
H4' A5O A 7 1.90 -2.34 -8.73
H5'A A5O A 7 2.62 -4.61 -9.39
HO2' A5O A 7 5.78 -3.16 -7.17
P UAR A 8 4.70 -0.79 -10.94
OP1 UAR A 8 3.98 -0.42 -12.18
OP2 UAR A 8 5.90 -1.65 -10.99
O5' UAR A 8 5.08 0.56 -10.16
C5' UAR A 8 4.11 1.56 -9.98
C4' UAR A 8 4.59 2.66 -9.04
O4' UAR A 8 4.72 2.16 -7.73
C3' UAR A 8 5.94 3.25 -9.46
O3' UAR A 8 5.77 4.62 -9.77
C2' UAR A 8 6.82 3.03 -8.23
O2' UAR A 8 7.62 1.88 -8.30
C1' UAR A 8 5.75 2.94 -7.15
N1 UAR A 8 6.25 2.35 -5.88
C2 UAR A 8 6.40 3.22 -4.81
O2 UAR A 8 6.15 4.41 -4.84
N3 UAR A 8 6.86 2.65 -3.64
C4 UAR A 8 7.26 1.35 -3.46
O4 UAR A 8 7.64 0.98 -2.35
C5 UAR A 8 7.09 0.52 -4.64
C6 UAR A 8 6.58 1.02 -5.78
H5' UAR A 8 3.21 1.13 -9.54
H5'' UAR A 8 3.86 2.02 -10.94
H4' UAR A 8 3.84 3.45 -9.03
H3' UAR A 8 6.35 2.72 -10.32
H2' UAR A 8 7.46 3.88 -8.03
HO2' UAR A 8 7.81 1.66 -9.22
H1' UAR A 8 5.38 3.95 -6.93
H3 UAR A 8 6.99 3.27 -2.84
H5 UAR A 8 7.35 -0.53 -4.55
H6 UAR A 8 6.41 0.39 -6.65
P GAO A 9 6.96 5.52 -10.39
OP1 GAO A 9 6.33 6.67 -11.07
OP2 GAO A 9 7.91 4.64 -11.10
O5' GAO A 9 7.72 6.07 -9.08
C5' GAO A 9 7.15 7.11 -8.32
C4' GAO A 9 8.04 7.58 -7.17
O4' GAO A 9 8.02 6.62 -6.13
C3' GAO A 9 9.50 7.79 -7.60
O3' GAO A 9 9.96 9.01 -7.03
C2' GAO A 9 10.21 6.56 -7.02
O2' GAO A 9 10.17 5.45 -7.91
C1' GAO A 9 9.36 6.36 -5.77
N9 GAO A 9 9.57 5.08 -5.09
C8 GAO A 9 9.46 3.80 -5.54
N7 GAO A 9 9.80 2.88 -4.67
C5 GAO A 9 10.15 3.63 -3.55
C6 GAO A 9 10.56 3.24 -2.23
O6 GAO A 9 10.68 2.13 -1.72
N1 GAO A 9 10.82 4.31 -1.40
C2 GAO A 9 10.68 5.62 -1.77
N2 GAO A 9 10.98 6.55 -0.90
N3 GAO A 9 10.27 6.01 -2.97
C4 GAO A 9 10.02 4.97 -3.80
H5' GAO A 9 6.20 6.78 -7.90
H5'' GAO A 9 6.97 7.97 -8.97
H4' GAO A 9 7.60 8.53 -6.84
H3' GAO A 9 9.60 7.81 -8.68
H2' GAO A 9 11.24 6.79 -6.74
HO2' GAO A 9 9.35 5.50 -8.43
H1' GAO A 9 9.72 7.07 -5.03
H8 GAO A 9 9.10 3.58 -6.53
H1 GAO A 9 11.03 4.09 -0.44
H21 GAO A 9 10.88 7.49 -1.25
H22 GAO A 9 11.34 6.35 0.04
P GAO A 10 11.39 9.62 -7.42
OP1 GAO A 10 11.21 11.07 -7.62
OP2 GAO A 10 12.01 8.79 -8.46
O5' GAO A 10 12.25 9.39 -6.08
C5' GAO A 10 12.15 10.29 -5.00
C4' GAO A 10 13.06 9.87 -3.86
O4' GAO A 10 12.71 8.57 -3.39
C3' GAO A 10 14.52 9.81 -4.29
O3' GAO A 10 15.16 11.02 -3.94
C2' GAO A 10 15.10 8.61 -3.52
O2' GAO A 10 15.82 7.73 -4.36
C1' GAO A 10 13.88 7.99 -2.83
N9 GAO A 10 13.80 6.54 -2.98
C8 GAO A 10 13.35 5.87 -4.07
N7 GAO A 10 13.41 4.57 -3.96
C5 GAO A 10 13.88 4.38 -2.66
C6 GAO A 10 14.05 3.19 -1.87
O6 GAO A 10 13.87 2.02 -2.16
N1 GAO A 10 14.42 3.45 -0.57
C2 GAO A 10 14.70 4.70 -0.08
N2 GAO A 10 15.09 4.77 1.16
N3 GAO A 10 14.57 5.82 -0.78
C4 GAO A 10 14.14 5.60 -2.05
H5' GAO A 10 11.11 10.30 -4.65
H5'' GAO A 10 12.43 11.28 -5.34
H4' GAO A 10 12.95 10.58 -3.03
H3' GAO A 10 14.58 9.61 -5.36
HO3' GAO A 10 16.10 10.87 -3.79
H2' GAO A 10 15.76 8.97 -2.73
HO2' GAO A 10 15.38 7.63 -5.20
H1' GAO A 10 13.92 8.19 -1.76
H8 GAO A 10 13.00 6.47 -4.89
H1 GAO A 10 14.40 2.66 0.07
H21 GAO A 10 15.23 5.70 1.51
H22 GAO A 10 15.17 3.95 1.77
#